data_8HUD
#
_entry.id   8HUD
#
_cell.length_a   1.00
_cell.length_b   1.00
_cell.length_c   1.00
_cell.angle_alpha   90.00
_cell.angle_beta   90.00
_cell.angle_gamma   90.00
#
_symmetry.space_group_name_H-M   'P 1'
#
loop_
_entity.id
_entity.type
_entity.pdbx_description
1 polymer 'CRISPR-associated endonuclease Cas9'
2 polymer sgRNA
3 polymer 'Target DNA strand'
4 polymer 'Non-target DNA strand'
#
loop_
_entity_poly.entity_id
_entity_poly.type
_entity_poly.pdbx_seq_one_letter_code
_entity_poly.pdbx_strand_id
1 'polypeptide(L)'
;MGYTVGLDIGVASVGVAVLDENDNIVEAVSNIFDEADTSNNKVRRTLREGRRTKRRQKTRIEDFKQLWETSGYIIPHKLH
LNIIELRNKGLTELLSLDELYCVLLSMLKHRGISYLEDADDGEKGNAYKKGLAFNEKQLKEKMPCEIQLERMKKYGKYHG
EFIIEINDEKEYQSNVFTTKAYKKELEKIFETQRCNGNKINTKFIKKYMEIYERKREYYIGPGNEKSRTDYGIYTTRTDE
EGNFIDEKNIFGKLIGKCSVYPEEYRASSASYTAQEFNLLNDLNNLKINNEKLTEFQKKEIVEIIKDASSVNMRKIIKKV
IDEDIEQYSGARIDKKGKEIYHTFEIYRKLKKELKTINVDIDSFTREELDKTMDILTLNTERESIVKAFDEQKFVYEENL
IKKLIEFRKNNQRLFSGWHSFSYKAMLQLIPVMYKEPKEQMQLLTEMNVFKSKKEKYVNYKYIPENEVVKEIYNPVVVKS
IRTTVKILNALIKKYGYPESVVIEMPRDKNSDDEKEKIDMNQKKNQEEYEKILNKIYDEKGIEITNKDYKKQKKLVLKLK
LWNEQEGLCLYSGKKIAIEDLLNHPEFFEIDHIIPKSISLDDSRSNKVLVYKTENSIKENDTPYHYLTRINGKWGFDEYK
ANVLELRRRGKIDDKKVNNLLCMEDITKIDVVKGFINRNLNDTRYASRVVLNEMQSFFESRKYCNTKVKVIRGSLTYQMR
QDLHLKKNREESYSHHAVDAMLIAFSQKGYEAYRKIQKDCYDFETGEILDKEKWNKYIDDDEFDDILYKERMNEIRKKII
EAEEKVKYNYKIDKKCNRGLCNQTIYGTREKDGKIHKISSYNIYDDKECNSLKKMINSGKGSDLLMYNNDPKTYRDMLKI
LETYSSEKNPFVAYNKETGDYFRKYSKNHNGPKVEKVKYYSGQINSCIDISHKYGHAKNSKKVVLVSLNPYRTDVYYDND
TGKYYLVGVKYNHIKCVGNKYVIDSETYNELLRKEGVLNSDENLEDLNSKNITYKFSLYKNDIIQYEKGGEYYTERFLSR
IKEQKNLIETKPINKPNFQRKNKKGEWENTRNQIALAKTKYVGKLVTDVLGNCYIVNMEKFSLVVDK
;
A
2 'polyribonucleotide' GGUAAUCGCUCUCCUCCGGCGAUUUUAGUACCUGAGAAAUCAGAUCUACUAAAACAAGGCUUUAUGCCGAAAUCA B
3 'polydeoxyribonucleotide'
;(DC)(DG)(DC)(DC)(DA)(DC)(DG)(DT)(DC)(DG)(DC)(DC)(DG)(DG)(DA)(DG)(DG)(DA)(DG)(DA)
(DG)(DC)(DG)(DA)(DT)(DT)(DA)(DC)
;
C
4 'polydeoxyribonucleotide' (DA)(DC)(DG)(DT)(DG)(DG)(DC)(DG) D
#
# COMPACT_ATOMS: atom_id res chain seq x y z
N THR A 38 -0.51 6.60 7.25
CA THR A 38 0.87 7.15 7.34
C THR A 38 1.83 6.27 6.53
N SER A 39 3.11 6.60 6.51
CA SER A 39 4.14 5.80 5.83
C SER A 39 3.94 4.31 6.16
N ASN A 40 3.43 3.94 7.34
CA ASN A 40 3.36 2.52 7.68
C ASN A 40 2.29 1.82 6.87
N ASN A 41 1.13 2.46 6.68
CA ASN A 41 0.08 1.84 5.88
C ASN A 41 0.43 1.81 4.40
N LYS A 42 1.16 2.81 3.91
CA LYS A 42 1.67 2.75 2.54
C LYS A 42 2.62 1.56 2.37
N VAL A 43 3.47 1.34 3.36
CA VAL A 43 4.35 0.17 3.35
C VAL A 43 3.54 -1.12 3.36
N ARG A 44 2.52 -1.18 4.21
CA ARG A 44 1.70 -2.38 4.31
C ARG A 44 1.07 -2.66 2.96
N ARG A 45 0.66 -1.60 2.28
CA ARG A 45 0.03 -1.76 0.97
C ARG A 45 1.02 -2.26 -0.07
N THR A 46 2.17 -1.61 -0.21
CA THR A 46 3.19 -2.04 -1.15
C THR A 46 3.54 -3.50 -0.93
N LEU A 47 3.73 -3.92 0.33
CA LEU A 47 4.01 -5.32 0.60
C LEU A 47 2.84 -6.23 0.20
N ARG A 48 1.60 -5.80 0.45
CA ARG A 48 0.46 -6.66 0.11
C ARG A 48 0.35 -6.85 -1.40
N GLU A 49 0.47 -5.75 -2.16
CA GLU A 49 0.42 -5.87 -3.61
C GLU A 49 1.56 -6.71 -4.14
N GLY A 50 2.78 -6.50 -3.61
CA GLY A 50 3.91 -7.29 -4.05
C GLY A 50 3.74 -8.77 -3.75
N ARG A 51 3.25 -9.09 -2.56
CA ARG A 51 3.00 -10.48 -2.20
C ARG A 51 1.96 -11.10 -3.13
N ARG A 52 0.91 -10.36 -3.44
CA ARG A 52 -0.11 -10.88 -4.35
C ARG A 52 0.46 -11.15 -5.74
N THR A 53 1.29 -10.23 -6.24
CA THR A 53 1.87 -10.43 -7.56
C THR A 53 2.82 -11.64 -7.58
N LYS A 54 3.68 -11.76 -6.54
CA LYS A 54 4.63 -12.89 -6.43
C LYS A 54 3.84 -14.19 -6.32
N ARG A 55 2.73 -14.22 -5.60
CA ARG A 55 1.99 -15.46 -5.44
C ARG A 55 1.28 -15.80 -6.75
N ARG A 56 0.88 -14.78 -7.51
CA ARG A 56 0.21 -14.98 -8.81
C ARG A 56 1.23 -15.48 -9.82
N GLN A 57 2.47 -15.05 -9.70
CA GLN A 57 3.53 -15.57 -10.56
C GLN A 57 3.83 -17.03 -10.28
N LYS A 58 3.90 -17.39 -9.00
CA LYS A 58 4.12 -18.79 -8.65
C LYS A 58 3.00 -19.68 -9.15
N THR A 59 1.75 -19.20 -9.02
CA THR A 59 0.63 -19.98 -9.55
C THR A 59 0.71 -20.11 -11.07
N ARG A 60 1.16 -19.05 -11.75
CA ARG A 60 1.34 -19.13 -13.19
C ARG A 60 2.33 -20.24 -13.55
N ILE A 61 3.47 -20.26 -12.85
CA ILE A 61 4.49 -21.27 -13.13
C ILE A 61 3.96 -22.67 -12.85
N GLU A 62 3.24 -22.84 -11.74
CA GLU A 62 2.72 -24.15 -11.39
C GLU A 62 1.68 -24.63 -12.41
N ASP A 63 0.80 -23.73 -12.85
CA ASP A 63 -0.18 -24.10 -13.88
C ASP A 63 0.51 -24.47 -15.19
N PHE A 64 1.58 -23.76 -15.54
CA PHE A 64 2.32 -24.14 -16.73
C PHE A 64 2.94 -25.53 -16.58
N LYS A 65 3.47 -25.84 -15.39
CA LYS A 65 4.02 -27.17 -15.17
C LYS A 65 2.95 -28.24 -15.30
N GLN A 66 1.76 -27.97 -14.76
CA GLN A 66 0.66 -28.93 -14.87
C GLN A 66 0.25 -29.13 -16.32
N LEU A 67 0.20 -28.05 -17.10
CA LEU A 67 -0.14 -28.18 -18.51
C LEU A 67 0.95 -28.95 -19.27
N TRP A 68 2.21 -28.74 -18.90
CA TRP A 68 3.30 -29.49 -19.52
C TRP A 68 3.19 -30.98 -19.21
N GLU A 69 2.79 -31.32 -17.98
CA GLU A 69 2.65 -32.73 -17.60
C GLU A 69 1.46 -33.37 -18.30
N THR A 70 0.31 -32.70 -18.31
CA THR A 70 -0.92 -33.31 -18.80
C THR A 70 -1.02 -33.34 -20.32
N SER A 71 -0.17 -32.63 -21.04
CA SER A 71 -0.20 -32.62 -22.50
C SER A 71 0.61 -33.75 -23.11
N GLY A 72 1.22 -34.60 -22.30
CA GLY A 72 1.99 -35.71 -22.80
C GLY A 72 3.49 -35.50 -22.83
N TYR A 73 4.01 -34.53 -22.10
CA TYR A 73 5.44 -34.27 -22.05
C TYR A 73 5.94 -34.31 -20.62
N ILE A 74 7.23 -34.58 -20.47
CA ILE A 74 7.87 -34.74 -19.16
C ILE A 74 8.79 -33.55 -18.91
N ILE A 75 8.77 -33.06 -17.67
CA ILE A 75 9.67 -31.96 -17.30
C ILE A 75 11.11 -32.45 -17.37
N PRO A 76 12.00 -31.75 -18.04
CA PRO A 76 13.41 -32.16 -18.04
C PRO A 76 14.10 -31.81 -16.73
N HIS A 77 15.27 -32.42 -16.54
CA HIS A 77 16.02 -32.26 -15.30
C HIS A 77 17.20 -31.31 -15.42
N LYS A 78 17.80 -31.19 -16.60
CA LYS A 78 18.94 -30.30 -16.81
C LYS A 78 18.46 -29.05 -17.55
N LEU A 79 18.63 -27.89 -16.91
CA LEU A 79 18.15 -26.63 -17.45
C LEU A 79 19.27 -25.91 -18.20
N HIS A 80 18.92 -25.25 -19.29
CA HIS A 80 19.86 -24.45 -20.06
C HIS A 80 19.89 -23.02 -19.55
N LEU A 81 21.04 -22.37 -19.70
CA LEU A 81 21.21 -20.99 -19.23
C LEU A 81 21.20 -19.96 -20.34
N ASN A 82 21.56 -20.33 -21.56
CA ASN A 82 21.62 -19.41 -22.69
C ASN A 82 20.25 -19.31 -23.34
N ILE A 83 19.34 -18.65 -22.61
CA ILE A 83 17.93 -18.63 -23.02
C ILE A 83 17.73 -17.79 -24.28
N ILE A 84 18.41 -16.64 -24.36
CA ILE A 84 18.18 -15.71 -25.46
C ILE A 84 18.61 -16.33 -26.79
N GLU A 85 19.76 -17.01 -26.80
CA GLU A 85 20.17 -17.72 -28.01
C GLU A 85 19.18 -18.80 -28.37
N LEU A 86 18.54 -19.41 -27.37
CA LEU A 86 17.47 -20.37 -27.66
C LEU A 86 16.27 -19.70 -28.32
N ARG A 87 15.93 -18.48 -27.89
CA ARG A 87 14.88 -17.72 -28.55
C ARG A 87 15.23 -17.48 -30.01
N ASN A 88 16.46 -17.06 -30.26
CA ASN A 88 16.89 -16.79 -31.62
C ASN A 88 16.85 -18.06 -32.48
N LYS A 89 17.27 -19.19 -31.91
CA LYS A 89 17.19 -20.45 -32.63
C LYS A 89 15.74 -20.82 -32.92
N GLY A 90 14.85 -20.64 -31.95
CA GLY A 90 13.46 -21.01 -32.12
C GLY A 90 12.70 -20.13 -33.09
N LEU A 91 13.17 -18.90 -33.30
CA LEU A 91 12.56 -18.06 -34.32
C LEU A 91 12.62 -18.70 -35.70
N THR A 92 13.66 -19.51 -35.96
CA THR A 92 13.86 -20.08 -37.29
C THR A 92 13.98 -21.60 -37.30
N GLU A 93 14.64 -22.19 -36.31
CA GLU A 93 15.02 -23.59 -36.35
C GLU A 93 14.35 -24.36 -35.22
N LEU A 94 14.16 -25.66 -35.44
CA LEU A 94 13.44 -26.50 -34.46
C LEU A 94 14.19 -26.59 -33.13
N LEU A 95 13.46 -26.62 -32.04
CA LEU A 95 13.93 -26.70 -30.67
C LEU A 95 13.37 -27.94 -30.00
N SER A 96 14.16 -28.51 -29.10
CA SER A 96 13.76 -29.71 -28.38
C SER A 96 12.75 -29.36 -27.29
N LEU A 97 12.20 -30.40 -26.65
CA LEU A 97 11.26 -30.18 -25.56
C LEU A 97 11.92 -29.47 -24.40
N ASP A 98 13.19 -29.80 -24.10
CA ASP A 98 13.89 -29.14 -23.01
C ASP A 98 14.06 -27.65 -23.28
N GLU A 99 14.52 -27.31 -24.48
CA GLU A 99 14.73 -25.89 -24.82
C GLU A 99 13.41 -25.13 -24.81
N LEU A 100 12.37 -25.73 -25.39
CA LEU A 100 11.06 -25.09 -25.42
C LEU A 100 10.53 -24.87 -24.01
N TYR A 101 10.70 -25.87 -23.14
CA TYR A 101 10.26 -25.72 -21.75
C TYR A 101 11.01 -24.60 -21.06
N CYS A 102 12.33 -24.53 -21.24
CA CYS A 102 13.11 -23.49 -20.60
C CYS A 102 12.69 -22.10 -21.08
N VAL A 103 12.52 -21.94 -22.39
CA VAL A 103 12.19 -20.62 -22.92
C VAL A 103 10.79 -20.20 -22.50
N LEU A 104 9.83 -21.13 -22.45
CA LEU A 104 8.50 -20.79 -21.98
C LEU A 104 8.52 -20.42 -20.50
N LEU A 105 9.29 -21.15 -19.69
CA LEU A 105 9.41 -20.83 -18.27
C LEU A 105 9.98 -19.42 -18.08
N SER A 106 10.99 -19.07 -18.87
CA SER A 106 11.53 -17.71 -18.79
C SER A 106 10.49 -16.70 -19.23
N MET A 107 9.75 -17.01 -20.30
CA MET A 107 8.78 -16.07 -20.86
C MET A 107 7.70 -15.73 -19.86
N LEU A 108 7.22 -16.73 -19.11
CA LEU A 108 6.15 -16.52 -18.14
C LEU A 108 6.55 -15.61 -16.99
N LYS A 109 7.84 -15.34 -16.81
CA LYS A 109 8.31 -14.52 -15.71
C LYS A 109 8.51 -13.06 -16.08
N HIS A 110 8.77 -12.78 -17.36
CA HIS A 110 9.06 -11.42 -17.82
C HIS A 110 8.11 -11.02 -18.93
N ARG A 111 6.81 -11.25 -18.73
CA ARG A 111 5.83 -11.03 -19.80
C ARG A 111 5.56 -9.55 -20.09
N GLY A 112 6.30 -8.60 -19.53
CA GLY A 112 6.19 -7.22 -19.94
C GLY A 112 4.95 -6.51 -19.42
N ILE A 113 4.86 -5.24 -19.77
CA ILE A 113 3.76 -4.37 -19.33
C ILE A 113 2.76 -4.24 -20.45
N SER A 114 1.49 -4.09 -20.09
CA SER A 114 0.38 -4.03 -21.03
C SER A 114 -0.51 -2.85 -20.71
N TYR A 115 -1.09 -2.25 -21.76
CA TYR A 115 -2.04 -1.16 -21.60
C TYR A 115 -3.03 -1.14 -22.76
N ASN A 126 11.80 11.43 -17.72
CA ASN A 126 12.31 10.39 -16.84
C ASN A 126 13.00 9.29 -17.65
N ALA A 127 13.72 8.41 -16.96
CA ALA A 127 14.42 7.32 -17.64
C ALA A 127 13.44 6.33 -18.25
N TYR A 128 12.30 6.10 -17.57
CA TYR A 128 11.35 5.09 -18.03
C TYR A 128 10.75 5.48 -19.37
N LYS A 129 10.26 6.72 -19.49
CA LYS A 129 9.62 7.15 -20.73
C LYS A 129 10.62 7.24 -21.87
N LYS A 130 11.84 7.70 -21.60
CA LYS A 130 12.85 7.76 -22.64
C LYS A 130 13.26 6.37 -23.11
N GLY A 131 13.37 5.43 -22.17
CA GLY A 131 13.60 4.05 -22.56
C GLY A 131 12.46 3.50 -23.38
N LEU A 132 11.23 3.86 -23.04
CA LEU A 132 10.08 3.46 -23.84
C LEU A 132 10.17 4.01 -25.25
N ALA A 133 10.60 5.27 -25.38
CA ALA A 133 10.78 5.87 -26.70
C ALA A 133 11.83 5.12 -27.50
N PHE A 134 12.93 4.74 -26.86
CA PHE A 134 13.96 3.98 -27.57
C PHE A 134 13.46 2.60 -27.98
N ASN A 135 12.72 1.91 -27.11
CA ASN A 135 12.16 0.63 -27.52
C ASN A 135 11.15 0.80 -28.64
N GLU A 136 10.44 1.92 -28.66
CA GLU A 136 9.50 2.17 -29.76
C GLU A 136 10.26 2.38 -31.06
N LYS A 137 11.32 3.20 -31.04
CA LYS A 137 12.05 3.48 -32.27
C LYS A 137 12.83 2.28 -32.76
N GLN A 138 13.20 1.35 -31.87
CA GLN A 138 13.87 0.13 -32.30
C GLN A 138 12.91 -1.01 -32.61
N LEU A 139 11.66 -0.92 -32.16
CA LEU A 139 10.67 -1.96 -32.41
C LEU A 139 9.99 -1.84 -33.77
N LYS A 140 10.22 -0.74 -34.49
CA LYS A 140 9.63 -0.60 -35.82
C LYS A 140 10.23 -1.59 -36.81
N GLU A 141 11.34 -2.23 -36.47
CA GLU A 141 11.97 -3.21 -37.33
C GLU A 141 12.06 -4.59 -36.69
N LYS A 142 12.45 -4.68 -35.42
CA LYS A 142 12.71 -5.96 -34.79
C LYS A 142 12.04 -6.01 -33.43
N MET A 143 12.15 -7.19 -32.78
CA MET A 143 11.54 -7.55 -31.52
C MET A 143 12.54 -7.44 -30.37
N PRO A 144 12.08 -7.35 -29.12
CA PRO A 144 13.02 -7.07 -28.02
C PRO A 144 14.07 -8.14 -27.81
N CYS A 145 13.83 -9.38 -28.25
CA CYS A 145 14.83 -10.42 -28.07
C CYS A 145 16.11 -10.08 -28.84
N GLU A 146 15.98 -9.61 -30.08
CA GLU A 146 17.17 -9.25 -30.84
C GLU A 146 17.84 -8.01 -30.27
N ILE A 147 17.07 -7.08 -29.71
CA ILE A 147 17.65 -5.91 -29.07
C ILE A 147 18.49 -6.33 -27.87
N GLN A 148 17.96 -7.25 -27.05
CA GLN A 148 18.75 -7.76 -25.93
C GLN A 148 19.94 -8.58 -26.42
N LEU A 149 19.82 -9.27 -27.56
CA LEU A 149 20.98 -9.91 -28.16
C LEU A 149 22.08 -8.91 -28.48
N GLU A 150 21.71 -7.80 -29.11
CA GLU A 150 22.72 -6.78 -29.41
C GLU A 150 23.31 -6.18 -28.14
N ARG A 151 22.48 -5.98 -27.13
CA ARG A 151 22.99 -5.48 -25.85
C ARG A 151 23.99 -6.46 -25.24
N MET A 152 23.72 -7.75 -25.33
CA MET A 152 24.68 -8.75 -24.87
C MET A 152 25.95 -8.71 -25.70
N LYS A 153 25.82 -8.59 -27.03
CA LYS A 153 26.98 -8.64 -27.91
C LYS A 153 27.92 -7.47 -27.67
N LYS A 154 27.38 -6.26 -27.51
CA LYS A 154 28.22 -5.08 -27.39
C LYS A 154 28.33 -4.55 -25.97
N TYR A 155 27.52 -5.03 -25.03
CA TYR A 155 27.65 -4.63 -23.63
C TYR A 155 27.58 -5.79 -22.64
N GLY A 156 26.99 -6.93 -23.00
CA GLY A 156 26.89 -8.06 -22.10
C GLY A 156 25.99 -7.86 -20.90
N LYS A 157 24.85 -7.20 -21.07
CA LYS A 157 23.90 -6.98 -20.00
C LYS A 157 22.51 -6.76 -20.60
N TYR A 158 21.49 -6.94 -19.76
CA TYR A 158 20.10 -6.83 -20.20
C TYR A 158 19.28 -5.86 -19.39
N HIS A 159 19.51 -5.77 -18.08
CA HIS A 159 18.56 -5.17 -17.16
C HIS A 159 18.39 -3.68 -17.42
N GLY A 160 17.26 -3.15 -16.94
CA GLY A 160 16.89 -1.78 -17.22
C GLY A 160 17.66 -0.71 -16.46
N GLU A 161 18.99 -0.75 -16.59
CA GLU A 161 19.85 0.29 -16.03
C GLU A 161 21.07 0.37 -16.94
N PHE A 162 21.03 1.29 -17.90
CA PHE A 162 22.04 1.37 -18.95
C PHE A 162 22.48 2.82 -19.17
N ILE A 163 22.83 3.50 -18.08
CA ILE A 163 23.43 4.82 -18.20
C ILE A 163 24.66 4.72 -19.10
N ILE A 164 24.63 5.46 -20.22
CA ILE A 164 25.73 5.44 -21.22
C ILE A 164 26.20 6.88 -21.46
N GLU A 169 26.79 12.39 -24.07
CA GLU A 169 25.46 12.34 -23.48
C GLU A 169 25.20 10.96 -22.87
N LYS A 170 23.94 10.68 -22.56
CA LYS A 170 23.54 9.42 -21.95
C LYS A 170 22.41 8.80 -22.78
N GLU A 171 22.51 7.49 -23.00
CA GLU A 171 21.44 6.73 -23.64
C GLU A 171 20.70 5.92 -22.59
N TYR A 172 19.49 5.49 -22.92
CA TYR A 172 18.57 4.94 -21.95
C TYR A 172 17.97 3.62 -22.44
N GLN A 173 18.85 2.71 -22.89
CA GLN A 173 18.41 1.35 -23.18
C GLN A 173 17.89 0.69 -21.91
N SER A 174 16.83 -0.10 -22.04
CA SER A 174 16.19 -0.69 -20.87
C SER A 174 15.50 -1.99 -21.26
N ASN A 175 14.86 -2.62 -20.27
CA ASN A 175 14.20 -3.91 -20.44
C ASN A 175 12.69 -3.84 -20.27
N VAL A 176 12.14 -2.68 -19.89
CA VAL A 176 10.70 -2.56 -19.67
C VAL A 176 10.05 -2.41 -21.04
N PHE A 177 9.66 -3.53 -21.64
CA PHE A 177 9.12 -3.55 -22.99
C PHE A 177 7.60 -3.58 -22.95
N THR A 178 7.00 -3.76 -24.11
CA THR A 178 5.55 -3.79 -24.26
C THR A 178 5.08 -5.21 -24.59
N THR A 179 3.88 -5.54 -24.10
CA THR A 179 3.35 -6.88 -24.28
C THR A 179 3.06 -7.20 -25.74
N LYS A 180 2.82 -6.19 -26.58
CA LYS A 180 2.58 -6.44 -28.00
C LYS A 180 3.78 -7.09 -28.64
N ALA A 181 4.98 -6.59 -28.34
CA ALA A 181 6.19 -7.17 -28.91
C ALA A 181 6.40 -8.59 -28.43
N TYR A 182 6.19 -8.84 -27.13
CA TYR A 182 6.33 -10.20 -26.61
C TYR A 182 5.34 -11.14 -27.27
N LYS A 183 4.10 -10.68 -27.47
CA LYS A 183 3.09 -11.52 -28.10
C LYS A 183 3.45 -11.80 -29.56
N LYS A 184 4.00 -10.80 -30.26
CA LYS A 184 4.46 -11.03 -31.63
C LYS A 184 5.58 -12.06 -31.66
N GLU A 185 6.53 -11.95 -30.72
CA GLU A 185 7.60 -12.92 -30.64
C GLU A 185 7.07 -14.33 -30.37
N LEU A 186 6.12 -14.45 -29.45
CA LEU A 186 5.54 -15.75 -29.16
C LEU A 186 4.81 -16.32 -30.37
N GLU A 187 4.08 -15.47 -31.09
CA GLU A 187 3.40 -15.93 -32.30
C GLU A 187 4.40 -16.43 -33.33
N LYS A 188 5.48 -15.68 -33.54
CA LYS A 188 6.51 -16.10 -34.49
C LYS A 188 7.11 -17.44 -34.09
N ILE A 189 7.47 -17.57 -32.81
CA ILE A 189 8.10 -18.80 -32.34
C ILE A 189 7.15 -19.99 -32.51
N PHE A 190 5.89 -19.81 -32.11
CA PHE A 190 4.94 -20.91 -32.19
C PHE A 190 4.68 -21.31 -33.64
N GLU A 191 4.53 -20.32 -34.53
CA GLU A 191 4.32 -20.64 -35.93
C GLU A 191 5.52 -21.37 -36.53
N THR A 192 6.73 -20.92 -36.20
CA THR A 192 7.92 -21.59 -36.72
C THR A 192 8.02 -23.02 -36.23
N GLN A 193 7.79 -23.24 -34.94
CA GLN A 193 7.86 -24.61 -34.40
C GLN A 193 6.78 -25.49 -35.01
N ARG A 194 5.56 -24.96 -35.17
CA ARG A 194 4.48 -25.75 -35.75
C ARG A 194 4.78 -26.11 -37.20
N CYS A 195 5.31 -25.15 -37.97
CA CYS A 195 5.65 -25.42 -39.36
C CYS A 195 6.87 -26.33 -39.51
N ASN A 196 7.73 -26.40 -38.48
CA ASN A 196 8.88 -27.29 -38.50
C ASN A 196 8.57 -28.68 -37.95
N GLY A 197 7.29 -29.07 -37.94
CA GLY A 197 6.91 -30.39 -37.49
C GLY A 197 7.15 -30.67 -36.02
N ASN A 198 6.78 -29.74 -35.15
CA ASN A 198 6.92 -29.96 -33.72
C ASN A 198 5.77 -30.82 -33.20
N LYS A 199 5.76 -31.04 -31.89
CA LYS A 199 4.75 -31.87 -31.25
C LYS A 199 3.61 -31.06 -30.66
N ILE A 200 3.69 -29.74 -30.70
CA ILE A 200 2.62 -28.88 -30.21
C ILE A 200 1.31 -28.89 -30.99
N ASN A 201 0.20 -28.95 -30.26
CA ASN A 201 -1.13 -28.89 -30.85
C ASN A 201 -1.84 -27.62 -30.42
N THR A 202 -2.75 -27.14 -31.27
CA THR A 202 -3.33 -25.80 -31.10
C THR A 202 -3.94 -25.60 -29.73
N LYS A 203 -4.47 -26.67 -29.12
CA LYS A 203 -4.97 -26.57 -27.76
C LYS A 203 -3.87 -26.09 -26.81
N PHE A 204 -2.66 -26.60 -26.98
CA PHE A 204 -1.58 -26.20 -26.06
C PHE A 204 -1.26 -24.72 -26.19
N ILE A 205 -1.10 -24.21 -27.42
CA ILE A 205 -0.79 -22.79 -27.56
C ILE A 205 -1.92 -21.94 -27.04
N LYS A 206 -3.16 -22.30 -27.35
CA LYS A 206 -4.29 -21.50 -26.87
C LYS A 206 -4.32 -21.47 -25.35
N LYS A 207 -4.13 -22.62 -24.71
CA LYS A 207 -4.21 -22.67 -23.25
C LYS A 207 -3.01 -21.98 -22.62
N TYR A 208 -1.84 -22.06 -23.25
CA TYR A 208 -0.67 -21.37 -22.72
C TYR A 208 -0.84 -19.87 -22.81
N MET A 209 -1.43 -19.36 -23.90
CA MET A 209 -1.67 -17.92 -23.97
C MET A 209 -2.78 -17.51 -23.02
N GLU A 210 -3.72 -18.40 -22.71
CA GLU A 210 -4.71 -18.08 -21.67
C GLU A 210 -4.04 -17.96 -20.31
N ILE A 211 -3.10 -18.86 -20.00
CA ILE A 211 -2.33 -18.73 -18.76
C ILE A 211 -1.44 -17.49 -18.81
N TYR A 212 -0.93 -17.18 -20.00
CA TYR A 212 0.07 -16.12 -20.16
C TYR A 212 -0.52 -14.75 -19.91
N GLU A 213 -1.77 -14.53 -20.33
CA GLU A 213 -2.42 -13.24 -20.20
C GLU A 213 -3.31 -13.15 -18.96
N ARG A 214 -2.99 -13.91 -17.91
CA ARG A 214 -3.72 -13.80 -16.65
C ARG A 214 -3.53 -12.41 -16.07
N LYS A 215 -4.60 -11.63 -16.04
CA LYS A 215 -4.54 -10.28 -15.47
C LYS A 215 -5.92 -9.94 -14.96
N ARG A 216 -6.11 -10.05 -13.64
CA ARG A 216 -7.38 -9.70 -13.04
C ARG A 216 -7.62 -8.21 -13.20
N GLU A 217 -8.87 -7.79 -12.99
CA GLU A 217 -9.24 -6.41 -13.21
C GLU A 217 -9.32 -5.65 -11.90
N TYR A 218 -8.95 -4.37 -11.95
CA TYR A 218 -8.74 -3.60 -10.73
C TYR A 218 -10.02 -3.43 -9.92
N TYR A 219 -11.20 -3.70 -10.50
CA TYR A 219 -12.46 -3.61 -9.78
C TYR A 219 -12.99 -4.99 -9.40
N ILE A 220 -12.11 -5.97 -9.24
CA ILE A 220 -12.49 -7.30 -8.78
C ILE A 220 -11.74 -7.68 -7.51
N GLY A 221 -10.44 -7.46 -7.48
CA GLY A 221 -9.66 -7.71 -6.29
C GLY A 221 -9.37 -9.18 -6.07
N PRO A 222 -8.88 -9.52 -4.86
CA PRO A 222 -8.51 -10.89 -4.56
C PRO A 222 -9.72 -11.76 -4.24
N GLY A 223 -9.48 -13.01 -3.87
CA GLY A 223 -10.52 -13.96 -3.52
C GLY A 223 -11.27 -14.48 -4.72
N ASN A 224 -11.80 -15.70 -4.64
CA ASN A 224 -12.65 -16.23 -5.69
C ASN A 224 -13.95 -16.73 -5.10
N GLU A 225 -14.74 -17.45 -5.91
CA GLU A 225 -16.06 -17.92 -5.49
C GLU A 225 -16.00 -19.03 -4.45
N LYS A 226 -14.83 -19.36 -3.91
CA LYS A 226 -14.72 -20.28 -2.80
C LYS A 226 -13.66 -19.86 -1.78
N SER A 227 -13.10 -18.66 -1.91
CA SER A 227 -11.99 -18.20 -1.08
C SER A 227 -12.36 -16.87 -0.43
N ARG A 228 -13.52 -16.83 0.19
CA ARG A 228 -14.13 -15.59 0.66
C ARG A 228 -13.16 -14.76 1.49
N THR A 229 -12.86 -13.56 1.02
CA THR A 229 -12.10 -12.58 1.77
C THR A 229 -12.77 -11.22 1.60
N ASP A 230 -12.68 -10.40 2.64
CA ASP A 230 -13.33 -9.10 2.65
C ASP A 230 -12.49 -8.02 1.99
N TYR A 231 -11.55 -8.40 1.13
CA TYR A 231 -10.72 -7.44 0.41
C TYR A 231 -11.15 -7.26 -1.04
N GLY A 232 -11.96 -8.16 -1.58
CA GLY A 232 -12.33 -8.14 -2.98
C GLY A 232 -13.83 -8.22 -3.16
N ILE A 233 -14.23 -8.79 -4.30
CA ILE A 233 -15.64 -8.87 -4.65
C ILE A 233 -16.32 -10.00 -3.91
N TYR A 234 -15.75 -11.21 -3.99
CA TYR A 234 -16.32 -12.39 -3.36
C TYR A 234 -16.10 -12.27 -1.86
N THR A 235 -17.16 -11.99 -1.12
CA THR A 235 -17.07 -11.66 0.29
C THR A 235 -17.47 -12.85 1.16
N THR A 236 -17.24 -12.70 2.47
CA THR A 236 -17.51 -13.74 3.45
C THR A 236 -18.85 -13.58 4.15
N ARG A 237 -19.49 -12.41 4.03
CA ARG A 237 -20.77 -12.19 4.70
C ARG A 237 -21.83 -13.12 4.13
N THR A 238 -22.68 -13.63 5.00
CA THR A 238 -23.71 -14.60 4.64
C THR A 238 -25.09 -13.99 4.83
N ASP A 239 -26.01 -14.36 3.96
CA ASP A 239 -27.39 -13.90 4.05
C ASP A 239 -28.17 -14.86 4.94
N GLU A 240 -29.49 -14.74 4.95
CA GLU A 240 -30.31 -15.56 5.83
C GLU A 240 -30.31 -17.04 5.43
N GLU A 241 -30.13 -17.32 4.14
CA GLU A 241 -30.17 -18.69 3.64
C GLU A 241 -28.82 -19.39 3.72
N GLY A 242 -27.76 -18.69 4.12
CA GLY A 242 -26.44 -19.27 4.18
C GLY A 242 -25.64 -19.20 2.90
N ASN A 243 -26.20 -18.65 1.83
CA ASN A 243 -25.48 -18.49 0.58
C ASN A 243 -24.47 -17.35 0.70
N PHE A 244 -23.45 -17.39 -0.14
CA PHE A 244 -22.46 -16.33 -0.15
C PHE A 244 -23.02 -15.08 -0.82
N ILE A 245 -22.37 -13.95 -0.55
CA ILE A 245 -22.74 -12.66 -1.12
C ILE A 245 -21.71 -12.30 -2.19
N ASP A 246 -22.19 -11.87 -3.36
CA ASP A 246 -21.34 -11.55 -4.49
C ASP A 246 -21.74 -10.20 -5.05
N GLU A 247 -20.75 -9.36 -5.34
CA GLU A 247 -20.97 -8.02 -5.87
C GLU A 247 -20.60 -7.96 -7.34
N LYS A 248 -20.73 -6.76 -7.91
CA LYS A 248 -20.36 -6.50 -9.30
C LYS A 248 -19.16 -5.58 -9.44
N ASN A 249 -18.90 -4.74 -8.45
CA ASN A 249 -17.78 -3.81 -8.48
C ASN A 249 -17.49 -3.36 -7.06
N ILE A 250 -16.19 -3.24 -6.74
CA ILE A 250 -15.80 -2.96 -5.36
C ILE A 250 -15.95 -1.48 -5.00
N PHE A 251 -15.66 -0.57 -5.92
CA PHE A 251 -15.72 0.85 -5.60
C PHE A 251 -17.14 1.34 -5.36
N GLY A 252 -18.16 0.58 -5.79
CA GLY A 252 -19.52 1.05 -5.65
C GLY A 252 -19.93 1.29 -4.22
N LYS A 253 -19.54 0.40 -3.31
CA LYS A 253 -19.87 0.59 -1.91
C LYS A 253 -19.12 1.75 -1.28
N LEU A 254 -18.05 2.23 -1.94
CA LEU A 254 -17.26 3.32 -1.38
C LEU A 254 -17.86 4.70 -1.63
N ILE A 255 -18.92 4.78 -2.43
CA ILE A 255 -19.51 6.05 -2.80
C ILE A 255 -20.09 6.73 -1.57
N GLY A 256 -19.90 8.04 -1.47
CA GLY A 256 -20.37 8.77 -0.31
C GLY A 256 -21.87 8.85 -0.25
N LYS A 257 -22.36 9.21 0.94
CA LYS A 257 -23.78 9.35 1.19
C LYS A 257 -24.26 10.76 0.83
N CYS A 258 -25.57 10.90 0.72
CA CYS A 258 -26.15 12.20 0.41
C CYS A 258 -26.00 13.15 1.61
N SER A 259 -26.00 14.46 1.31
CA SER A 259 -25.82 15.46 2.35
C SER A 259 -27.13 15.84 3.02
N VAL A 260 -28.27 15.40 2.51
CA VAL A 260 -29.58 15.68 3.09
C VAL A 260 -30.20 14.43 3.70
N TYR A 261 -30.25 13.35 2.93
CA TYR A 261 -30.71 12.06 3.45
C TYR A 261 -29.50 11.15 3.65
N PRO A 262 -29.07 10.90 4.87
CA PRO A 262 -27.79 10.21 5.09
C PRO A 262 -27.88 8.70 4.96
N GLU A 263 -28.96 8.19 4.37
CA GLU A 263 -29.09 6.76 4.12
C GLU A 263 -29.12 6.45 2.62
N GLU A 264 -28.73 7.39 1.76
CA GLU A 264 -28.87 7.25 0.32
C GLU A 264 -27.57 7.59 -0.38
N TYR A 265 -27.35 6.96 -1.53
CA TYR A 265 -26.18 7.22 -2.35
C TYR A 265 -26.40 8.44 -3.23
N ARG A 266 -25.32 9.19 -3.45
CA ARG A 266 -25.42 10.45 -4.17
C ARG A 266 -25.68 10.19 -5.66
N ALA A 267 -25.92 11.27 -6.39
CA ALA A 267 -26.24 11.20 -7.79
C ALA A 267 -25.02 11.53 -8.64
N SER A 268 -25.06 11.09 -9.90
CA SER A 268 -24.00 11.37 -10.86
C SER A 268 -24.33 12.66 -11.61
N SER A 269 -23.36 13.57 -11.65
CA SER A 269 -23.62 14.94 -12.10
C SER A 269 -23.84 15.08 -13.59
N ALA A 270 -23.97 13.97 -14.34
CA ALA A 270 -24.09 14.03 -15.78
C ALA A 270 -25.47 13.60 -16.28
N SER A 271 -26.45 13.48 -15.40
CA SER A 271 -27.72 12.84 -15.73
C SER A 271 -28.74 13.88 -16.20
N TYR A 272 -30.01 13.46 -16.30
CA TYR A 272 -31.13 14.35 -16.55
C TYR A 272 -31.39 15.27 -15.36
N THR A 273 -31.77 14.69 -14.22
CA THR A 273 -32.25 15.50 -13.11
C THR A 273 -31.17 16.42 -12.56
N ALA A 274 -29.91 15.99 -12.58
CA ALA A 274 -28.84 16.84 -12.08
C ALA A 274 -28.74 18.12 -12.91
N GLN A 275 -28.73 17.99 -14.24
CA GLN A 275 -28.65 19.17 -15.09
C GLN A 275 -29.92 20.01 -15.01
N GLU A 276 -31.09 19.37 -14.90
CA GLU A 276 -32.32 20.14 -14.71
C GLU A 276 -32.22 21.01 -13.46
N PHE A 277 -31.80 20.41 -12.35
CA PHE A 277 -31.68 21.14 -11.09
C PHE A 277 -30.68 22.27 -11.22
N ASN A 278 -29.53 22.01 -11.84
CA ASN A 278 -28.48 23.01 -11.89
C ASN A 278 -28.85 24.17 -12.82
N LEU A 279 -29.54 23.86 -13.92
CA LEU A 279 -29.99 24.90 -14.88
C LEU A 279 -31.13 25.70 -14.24
N LEU A 280 -31.95 25.08 -13.37
CA LEU A 280 -32.98 25.83 -12.64
C LEU A 280 -32.34 26.78 -11.64
N ASN A 281 -31.32 26.30 -10.93
CA ASN A 281 -30.63 27.17 -9.97
C ASN A 281 -29.93 28.34 -10.68
N ASP A 282 -29.29 28.08 -11.83
CA ASP A 282 -28.58 29.14 -12.53
C ASP A 282 -29.52 30.20 -13.07
N LEU A 283 -30.55 29.79 -13.81
CA LEU A 283 -31.45 30.77 -14.42
C LEU A 283 -32.36 31.41 -13.39
N ASN A 284 -32.56 30.75 -12.25
CA ASN A 284 -33.43 31.31 -11.21
C ASN A 284 -32.74 32.47 -10.50
N ASN A 285 -31.43 32.40 -10.31
CA ASN A 285 -30.69 33.46 -9.64
C ASN A 285 -30.56 34.72 -10.48
N LEU A 286 -30.59 34.61 -11.80
CA LEU A 286 -30.35 35.76 -12.67
C LEU A 286 -31.47 36.79 -12.52
N LYS A 287 -31.08 38.05 -12.45
CA LYS A 287 -32.01 39.18 -12.42
C LYS A 287 -31.74 40.05 -13.64
N ILE A 288 -32.80 40.39 -14.36
CA ILE A 288 -32.69 41.13 -15.62
C ILE A 288 -33.65 42.32 -15.57
N ASN A 289 -33.13 43.51 -15.85
CA ASN A 289 -33.93 44.73 -15.98
C ASN A 289 -34.74 44.98 -14.71
N ASN A 290 -34.14 44.64 -13.56
CA ASN A 290 -34.78 44.74 -12.25
C ASN A 290 -36.07 43.94 -12.15
N GLU A 291 -36.20 42.90 -12.98
CA GLU A 291 -37.37 42.03 -12.97
C GLU A 291 -36.91 40.59 -12.86
N LYS A 292 -37.59 39.82 -12.02
CA LYS A 292 -37.29 38.41 -11.81
C LYS A 292 -38.06 37.56 -12.79
N LEU A 293 -37.41 36.53 -13.31
CA LEU A 293 -38.04 35.67 -14.31
C LEU A 293 -39.22 34.93 -13.70
N THR A 294 -40.33 34.92 -14.42
CA THR A 294 -41.57 34.33 -13.93
C THR A 294 -41.59 32.84 -14.26
N GLU A 295 -42.54 32.12 -13.64
CA GLU A 295 -42.64 30.68 -13.81
C GLU A 295 -42.87 30.32 -15.27
N PHE A 296 -43.72 31.07 -15.96
CA PHE A 296 -43.93 30.84 -17.39
C PHE A 296 -42.62 31.12 -18.10
N GLN A 297 -41.95 32.20 -17.71
CA GLN A 297 -40.65 32.53 -18.30
C GLN A 297 -39.64 31.43 -18.04
N LYS A 298 -39.63 30.87 -16.82
CA LYS A 298 -38.70 29.79 -16.52
C LYS A 298 -38.96 28.57 -17.39
N LYS A 299 -40.24 28.18 -17.54
CA LYS A 299 -40.55 27.04 -18.39
C LYS A 299 -40.15 27.30 -19.83
N GLU A 300 -40.46 28.49 -20.35
CA GLU A 300 -40.11 28.80 -21.74
C GLU A 300 -38.61 28.79 -21.94
N ILE A 301 -37.85 29.38 -21.01
CA ILE A 301 -36.40 29.46 -21.20
C ILE A 301 -35.78 28.07 -21.11
N VAL A 302 -36.29 27.21 -20.22
CA VAL A 302 -35.79 25.85 -20.16
C VAL A 302 -36.07 25.12 -21.47
N GLU A 303 -37.29 25.27 -21.99
CA GLU A 303 -37.63 24.60 -23.24
C GLU A 303 -36.73 25.06 -24.38
N ILE A 304 -36.49 26.37 -24.47
CA ILE A 304 -35.66 26.90 -25.55
C ILE A 304 -34.23 26.43 -25.42
N ILE A 305 -33.67 26.50 -24.20
CA ILE A 305 -32.27 26.15 -24.00
C ILE A 305 -32.04 24.67 -24.23
N LYS A 306 -33.00 23.82 -23.84
CA LYS A 306 -32.93 22.41 -24.20
C LYS A 306 -33.01 22.23 -25.71
N ASP A 307 -33.87 23.01 -26.37
CA ASP A 307 -34.05 22.90 -27.81
C ASP A 307 -33.00 23.68 -28.60
N ALA A 308 -32.08 24.37 -27.93
CA ALA A 308 -31.04 25.13 -28.61
C ALA A 308 -29.78 24.28 -28.78
N SER A 309 -28.98 24.64 -29.79
CA SER A 309 -27.73 23.94 -30.06
C SER A 309 -26.51 24.68 -29.51
N SER A 310 -26.49 26.00 -29.58
CA SER A 310 -25.47 26.83 -28.97
C SER A 310 -26.14 27.90 -28.13
N VAL A 311 -25.57 28.20 -26.97
CA VAL A 311 -26.24 29.01 -25.97
C VAL A 311 -25.64 30.41 -25.96
N ASN A 312 -26.49 31.43 -26.14
CA ASN A 312 -26.13 32.83 -25.93
C ASN A 312 -27.30 33.48 -25.19
N MET A 313 -27.33 33.33 -23.87
CA MET A 313 -28.54 33.69 -23.12
C MET A 313 -28.81 35.19 -23.09
N ARG A 314 -27.87 36.04 -23.47
CA ARG A 314 -28.27 37.43 -23.70
C ARG A 314 -29.33 37.50 -24.80
N LYS A 315 -29.05 36.88 -25.94
CA LYS A 315 -29.99 36.88 -27.04
C LYS A 315 -31.27 36.12 -26.70
N ILE A 316 -31.12 34.92 -26.13
CA ILE A 316 -32.29 34.11 -25.79
C ILE A 316 -33.15 34.81 -24.75
N ILE A 317 -32.51 35.46 -23.79
CA ILE A 317 -33.25 36.12 -22.72
C ILE A 317 -33.97 37.35 -23.26
N LYS A 318 -33.35 38.09 -24.19
CA LYS A 318 -34.09 39.24 -24.72
C LYS A 318 -35.24 38.75 -25.60
N LYS A 319 -35.07 37.58 -26.22
CA LYS A 319 -36.16 37.02 -27.02
C LYS A 319 -37.33 36.60 -26.16
N VAL A 320 -37.06 35.94 -25.03
CA VAL A 320 -38.15 35.45 -24.19
C VAL A 320 -38.82 36.61 -23.45
N ILE A 321 -38.03 37.58 -22.98
CA ILE A 321 -38.61 38.70 -22.24
C ILE A 321 -39.39 39.62 -23.18
N ASP A 322 -38.97 39.73 -24.45
CA ASP A 322 -39.52 40.66 -25.43
C ASP A 322 -39.29 42.12 -25.03
N GLU A 323 -38.28 42.38 -24.21
CA GLU A 323 -37.97 43.72 -23.74
C GLU A 323 -36.48 43.96 -23.86
N ASP A 324 -36.07 45.21 -24.08
CA ASP A 324 -34.64 45.57 -24.21
C ASP A 324 -33.92 45.18 -22.91
N ILE A 325 -32.60 45.25 -22.88
CA ILE A 325 -31.83 44.97 -21.63
C ILE A 325 -30.89 46.15 -21.35
N GLU A 326 -31.01 46.77 -20.17
CA GLU A 326 -30.18 47.89 -19.76
C GLU A 326 -29.14 47.54 -18.70
N GLN A 327 -29.36 46.51 -17.89
CA GLN A 327 -28.41 46.13 -16.86
C GLN A 327 -28.39 44.62 -16.73
N TYR A 328 -27.30 44.07 -16.18
CA TYR A 328 -27.14 42.61 -16.00
C TYR A 328 -26.62 42.30 -14.60
N SER A 329 -27.18 41.29 -13.97
CA SER A 329 -26.78 40.84 -12.65
C SER A 329 -26.90 39.32 -12.60
N GLY A 330 -26.07 38.70 -11.78
CA GLY A 330 -26.01 37.25 -11.71
C GLY A 330 -25.17 36.60 -12.79
N ALA A 331 -24.53 37.39 -13.65
CA ALA A 331 -23.67 36.87 -14.70
C ALA A 331 -22.27 36.64 -14.14
N ARG A 332 -21.73 35.45 -14.35
CA ARG A 332 -20.48 35.02 -13.74
C ARG A 332 -19.32 35.06 -14.74
N ILE A 333 -19.29 36.08 -15.58
CA ILE A 333 -18.14 36.32 -16.45
C ILE A 333 -16.84 36.24 -15.66
N ASP A 334 -15.93 35.41 -16.14
CA ASP A 334 -14.61 35.32 -15.53
C ASP A 334 -13.80 36.58 -15.84
N LYS A 335 -13.04 37.03 -14.84
CA LYS A 335 -12.10 38.11 -15.08
C LYS A 335 -11.02 37.68 -16.08
N LYS A 336 -10.82 36.37 -16.24
CA LYS A 336 -9.90 35.86 -17.23
C LYS A 336 -10.50 35.86 -18.64
N GLY A 337 -11.83 35.92 -18.76
CA GLY A 337 -12.45 36.02 -20.07
C GLY A 337 -13.32 34.86 -20.47
N LYS A 338 -13.98 34.21 -19.51
CA LYS A 338 -14.88 33.11 -19.79
C LYS A 338 -16.25 33.38 -19.16
N GLU A 339 -17.31 33.16 -19.93
CA GLU A 339 -18.67 33.41 -19.45
C GLU A 339 -19.17 32.14 -18.78
N ILE A 340 -19.14 32.12 -17.44
CA ILE A 340 -19.54 30.93 -16.69
C ILE A 340 -21.04 30.73 -16.82
N TYR A 341 -21.44 29.63 -17.45
CA TYR A 341 -22.85 29.31 -17.59
C TYR A 341 -23.05 27.82 -17.33
N HIS A 342 -24.25 27.47 -16.84
CA HIS A 342 -24.57 26.08 -16.53
C HIS A 342 -25.48 25.43 -17.56
N THR A 343 -25.35 25.80 -18.83
CA THR A 343 -26.21 25.24 -19.87
C THR A 343 -26.01 23.73 -19.96
N PHE A 344 -27.08 23.04 -20.37
CA PHE A 344 -27.03 21.58 -20.59
C PHE A 344 -25.92 21.29 -21.58
N GLU A 345 -24.85 20.62 -21.15
CA GLU A 345 -23.70 20.30 -21.98
C GLU A 345 -23.74 18.86 -22.49
N ILE A 346 -23.92 17.90 -21.59
CA ILE A 346 -24.05 16.50 -21.99
C ILE A 346 -25.30 16.32 -22.85
N TYR A 347 -26.36 17.08 -22.55
CA TYR A 347 -27.54 17.07 -23.42
C TYR A 347 -27.19 17.38 -24.86
N ARG A 348 -26.48 18.48 -25.11
CA ARG A 348 -26.28 18.91 -26.48
C ARG A 348 -25.40 17.93 -27.25
N LYS A 349 -24.33 17.45 -26.62
CA LYS A 349 -23.46 16.49 -27.27
C LYS A 349 -24.19 15.17 -27.53
N LEU A 350 -24.96 14.70 -26.55
CA LEU A 350 -25.74 13.49 -26.76
C LEU A 350 -26.77 13.67 -27.87
N LYS A 351 -27.42 14.84 -27.91
CA LYS A 351 -28.37 15.10 -28.99
C LYS A 351 -27.68 15.03 -30.35
N LYS A 352 -26.59 15.79 -30.51
CA LYS A 352 -25.90 15.83 -31.80
C LYS A 352 -25.33 14.48 -32.19
N GLU A 353 -25.03 13.61 -31.22
CA GLU A 353 -24.47 12.30 -31.54
C GLU A 353 -25.56 11.27 -31.81
N LEU A 354 -26.46 11.04 -30.87
CA LEU A 354 -27.52 10.06 -31.05
C LEU A 354 -28.48 10.41 -32.18
N LYS A 355 -28.62 11.68 -32.57
CA LYS A 355 -29.55 11.99 -33.64
C LYS A 355 -29.04 11.55 -35.01
N THR A 356 -27.73 11.29 -35.14
CA THR A 356 -27.23 10.74 -36.39
C THR A 356 -27.80 9.35 -36.64
N ILE A 357 -27.83 8.51 -35.62
CA ILE A 357 -28.46 7.20 -35.72
C ILE A 357 -29.95 7.28 -35.41
N ASN A 358 -30.44 8.47 -35.07
CA ASN A 358 -31.86 8.73 -34.83
C ASN A 358 -32.40 7.90 -33.67
N VAL A 359 -31.83 8.15 -32.50
CA VAL A 359 -32.32 7.60 -31.24
C VAL A 359 -32.80 8.75 -30.38
N ASP A 360 -34.04 8.65 -29.89
CA ASP A 360 -34.71 9.76 -29.22
C ASP A 360 -34.39 9.74 -27.74
N ILE A 361 -33.65 10.75 -27.27
CA ILE A 361 -33.38 10.86 -25.84
C ILE A 361 -34.65 11.23 -25.08
N ASP A 362 -35.51 12.05 -25.68
CA ASP A 362 -36.76 12.41 -25.02
C ASP A 362 -37.64 11.19 -24.79
N SER A 363 -37.49 10.15 -25.62
CA SER A 363 -38.22 8.91 -25.40
C SER A 363 -37.78 8.19 -24.14
N PHE A 364 -36.57 8.47 -23.66
CA PHE A 364 -36.06 7.82 -22.46
C PHE A 364 -36.78 8.35 -21.22
N THR A 365 -37.05 7.44 -20.29
CA THR A 365 -37.64 7.83 -19.01
C THR A 365 -36.57 8.42 -18.10
N ARG A 366 -37.02 9.12 -17.06
CA ARG A 366 -36.08 9.80 -16.17
C ARG A 366 -35.23 8.81 -15.38
N GLU A 367 -35.86 7.78 -14.81
CA GLU A 367 -35.11 6.82 -14.01
C GLU A 367 -34.10 6.04 -14.86
N GLU A 368 -34.47 5.69 -16.09
CA GLU A 368 -33.54 4.97 -16.95
C GLU A 368 -32.34 5.84 -17.29
N LEU A 369 -32.58 7.11 -17.63
CA LEU A 369 -31.47 8.01 -17.96
C LEU A 369 -30.57 8.22 -16.76
N ASP A 370 -31.14 8.43 -15.57
CA ASP A 370 -30.32 8.61 -14.38
C ASP A 370 -29.50 7.37 -14.08
N LYS A 371 -30.10 6.18 -14.18
CA LYS A 371 -29.35 4.96 -13.92
C LYS A 371 -28.22 4.77 -14.93
N THR A 372 -28.52 4.93 -16.22
CA THR A 372 -27.49 4.72 -17.23
C THR A 372 -26.37 5.74 -17.10
N MET A 373 -26.70 6.96 -16.66
CA MET A 373 -25.68 8.00 -16.46
C MET A 373 -24.83 7.64 -15.23
N ASP A 374 -25.40 6.97 -14.22
CA ASP A 374 -24.62 6.49 -13.08
C ASP A 374 -23.64 5.40 -13.50
N ILE A 375 -24.11 4.39 -14.25
CA ILE A 375 -23.19 3.35 -14.68
C ILE A 375 -22.09 3.92 -15.56
N LEU A 376 -22.44 4.83 -16.48
CA LEU A 376 -21.41 5.44 -17.32
C LEU A 376 -20.41 6.22 -16.48
N THR A 377 -20.87 6.78 -15.35
CA THR A 377 -19.96 7.49 -14.47
C THR A 377 -18.97 6.55 -13.81
N LEU A 378 -19.45 5.45 -13.23
CA LEU A 378 -18.56 4.59 -12.44
C LEU A 378 -17.82 3.57 -13.30
N ASN A 379 -18.54 2.69 -13.99
CA ASN A 379 -17.89 1.61 -14.72
C ASN A 379 -17.19 2.16 -15.96
N THR A 380 -15.90 1.82 -16.10
CA THR A 380 -15.09 2.35 -17.19
C THR A 380 -14.72 1.32 -18.24
N GLU A 381 -14.75 0.03 -17.91
CA GLU A 381 -14.37 -1.01 -18.87
C GLU A 381 -15.60 -1.59 -19.56
N ARG A 382 -15.33 -2.35 -20.62
CA ARG A 382 -16.40 -2.92 -21.42
C ARG A 382 -17.18 -3.98 -20.66
N GLU A 383 -16.48 -4.91 -20.02
CA GLU A 383 -17.16 -6.05 -19.40
C GLU A 383 -18.04 -5.63 -18.24
N SER A 384 -17.52 -4.74 -17.37
CA SER A 384 -18.32 -4.28 -16.23
C SER A 384 -19.53 -3.50 -16.70
N ILE A 385 -19.37 -2.66 -17.72
CA ILE A 385 -20.49 -1.89 -18.25
C ILE A 385 -21.55 -2.82 -18.84
N VAL A 386 -21.10 -3.84 -19.58
CA VAL A 386 -22.04 -4.78 -20.19
C VAL A 386 -22.80 -5.54 -19.12
N LYS A 387 -22.11 -5.99 -18.07
CA LYS A 387 -22.79 -6.69 -16.99
C LYS A 387 -23.78 -5.79 -16.27
N ALA A 388 -23.41 -4.52 -16.04
CA ALA A 388 -24.32 -3.60 -15.36
C ALA A 388 -25.56 -3.32 -16.21
N PHE A 389 -25.37 -3.15 -17.52
CA PHE A 389 -26.53 -2.94 -18.39
C PHE A 389 -27.37 -4.21 -18.51
N ASP A 390 -26.75 -5.38 -18.41
CA ASP A 390 -27.52 -6.62 -18.33
C ASP A 390 -28.35 -6.69 -17.06
N GLU A 391 -27.77 -6.27 -15.93
CA GLU A 391 -28.52 -6.30 -14.67
C GLU A 391 -29.71 -5.37 -14.73
N GLN A 392 -29.55 -4.19 -15.32
CA GLN A 392 -30.66 -3.29 -15.55
C GLN A 392 -31.66 -3.93 -16.51
N LYS A 393 -32.88 -4.17 -16.02
CA LYS A 393 -33.87 -4.90 -16.80
C LYS A 393 -34.29 -4.18 -18.07
N PHE A 394 -34.01 -2.89 -18.18
CA PHE A 394 -34.25 -2.18 -19.43
C PHE A 394 -33.38 -2.76 -20.53
N VAL A 395 -33.95 -2.87 -21.73
CA VAL A 395 -33.30 -3.49 -22.87
C VAL A 395 -32.62 -2.42 -23.70
N TYR A 396 -31.36 -2.65 -24.05
CA TYR A 396 -30.56 -1.70 -24.81
C TYR A 396 -30.10 -2.35 -26.11
N GLU A 397 -30.19 -1.59 -27.20
CA GLU A 397 -29.60 -2.03 -28.45
C GLU A 397 -28.08 -1.99 -28.34
N GLU A 398 -27.42 -2.97 -28.95
CA GLU A 398 -25.96 -3.00 -28.92
C GLU A 398 -25.36 -1.74 -29.51
N ASN A 399 -26.05 -1.13 -30.49
CA ASN A 399 -25.59 0.14 -31.03
C ASN A 399 -25.54 1.21 -29.94
N LEU A 400 -26.56 1.24 -29.07
CA LEU A 400 -26.53 2.19 -27.95
C LEU A 400 -25.38 1.89 -27.01
N ILE A 401 -25.09 0.61 -26.76
CA ILE A 401 -23.99 0.27 -25.85
C ILE A 401 -22.67 0.78 -26.40
N LYS A 402 -22.39 0.49 -27.68
CA LYS A 402 -21.14 0.95 -28.29
C LYS A 402 -21.09 2.47 -28.35
N LYS A 403 -22.26 3.07 -28.66
CA LYS A 403 -22.39 4.55 -28.81
C LYS A 403 -22.08 5.24 -27.48
N LEU A 404 -22.63 4.75 -26.37
CA LEU A 404 -22.37 5.32 -25.06
C LEU A 404 -20.95 5.04 -24.61
N ILE A 405 -20.39 3.88 -24.97
CA ILE A 405 -19.02 3.57 -24.57
C ILE A 405 -18.05 4.52 -25.25
N GLU A 406 -18.22 4.77 -26.55
CA GLU A 406 -17.34 5.72 -27.22
C GLU A 406 -17.56 7.13 -26.71
N PHE A 407 -18.81 7.49 -26.37
CA PHE A 407 -19.08 8.80 -25.78
C PHE A 407 -18.32 8.97 -24.47
N ARG A 408 -18.32 7.93 -23.62
CA ARG A 408 -17.56 7.98 -22.38
C ARG A 408 -16.06 8.09 -22.68
N LYS A 409 -15.57 7.32 -23.66
CA LYS A 409 -14.14 7.28 -23.91
C LYS A 409 -13.61 8.55 -24.54
N ASN A 410 -14.47 9.35 -25.18
CA ASN A 410 -13.99 10.53 -25.89
C ASN A 410 -14.19 11.83 -25.12
N ASN A 411 -15.25 11.94 -24.31
CA ASN A 411 -15.49 13.14 -23.50
C ASN A 411 -15.48 12.83 -22.01
N GLN A 412 -14.44 12.14 -21.54
CA GLN A 412 -14.34 11.74 -20.15
C GLN A 412 -14.48 12.92 -19.19
N ARG A 413 -14.08 14.12 -19.61
CA ARG A 413 -14.07 15.27 -18.71
C ARG A 413 -15.44 15.61 -18.16
N LEU A 414 -16.52 15.20 -18.85
CA LEU A 414 -17.86 15.55 -18.38
C LEU A 414 -18.19 14.86 -17.07
N PHE A 415 -17.84 13.58 -16.94
CA PHE A 415 -18.17 12.78 -15.77
C PHE A 415 -17.15 13.02 -14.65
N SER A 416 -17.06 14.28 -14.23
CA SER A 416 -16.02 14.68 -13.30
C SER A 416 -16.23 14.10 -11.91
N GLY A 417 -17.48 13.86 -11.52
CA GLY A 417 -17.74 13.37 -10.19
C GLY A 417 -19.22 13.29 -9.92
N TRP A 418 -19.55 13.05 -8.66
CA TRP A 418 -20.92 12.80 -8.22
C TRP A 418 -21.49 14.07 -7.60
N HIS A 419 -22.71 14.41 -8.00
CA HIS A 419 -23.44 15.51 -7.37
C HIS A 419 -23.68 15.19 -5.90
N SER A 420 -23.65 16.23 -5.06
CA SER A 420 -23.75 16.01 -3.62
C SER A 420 -25.08 15.37 -3.24
N PHE A 421 -26.19 15.89 -3.79
CA PHE A 421 -27.49 15.39 -3.40
C PHE A 421 -27.71 13.96 -3.91
N SER A 422 -28.79 13.36 -3.45
CA SER A 422 -29.28 12.10 -3.99
C SER A 422 -30.47 12.35 -4.90
N TYR A 423 -30.92 11.28 -5.56
CA TYR A 423 -32.05 11.43 -6.46
C TYR A 423 -33.35 11.60 -5.70
N LYS A 424 -33.41 11.15 -4.44
CA LYS A 424 -34.61 11.35 -3.64
C LYS A 424 -34.85 12.82 -3.37
N ALA A 425 -33.84 13.52 -2.85
CA ALA A 425 -33.99 14.95 -2.59
C ALA A 425 -34.14 15.74 -3.89
N MET A 426 -33.43 15.33 -4.93
CA MET A 426 -33.55 16.02 -6.22
C MET A 426 -34.97 15.91 -6.77
N LEU A 427 -35.55 14.71 -6.73
CA LEU A 427 -36.93 14.53 -7.18
C LEU A 427 -37.91 15.24 -6.28
N GLN A 428 -37.60 15.36 -5.00
CA GLN A 428 -38.46 16.15 -4.12
C GLN A 428 -38.39 17.63 -4.46
N LEU A 429 -37.23 18.11 -4.93
CA LEU A 429 -37.04 19.54 -5.14
C LEU A 429 -37.49 20.04 -6.51
N ILE A 430 -37.15 19.35 -7.60
CA ILE A 430 -37.39 19.93 -8.94
C ILE A 430 -38.84 20.34 -9.17
N PRO A 431 -39.86 19.53 -8.86
CA PRO A 431 -41.23 19.98 -9.17
C PRO A 431 -41.62 21.24 -8.43
N VAL A 432 -41.24 21.34 -7.15
CA VAL A 432 -41.53 22.54 -6.30
C VAL A 432 -40.63 23.68 -6.79
N MET A 433 -39.47 23.35 -7.37
CA MET A 433 -38.56 24.37 -7.93
C MET A 433 -39.26 24.99 -9.14
N TYR A 434 -39.91 24.17 -9.98
CA TYR A 434 -40.54 24.65 -11.20
C TYR A 434 -41.83 25.41 -10.88
N LYS A 435 -42.68 24.84 -10.03
CA LYS A 435 -43.96 25.47 -9.72
C LYS A 435 -43.77 26.81 -9.01
N GLU A 436 -42.86 26.85 -8.04
CA GLU A 436 -42.65 28.03 -7.22
C GLU A 436 -41.31 28.65 -7.58
N PRO A 437 -41.29 29.83 -8.20
CA PRO A 437 -40.01 30.50 -8.53
C PRO A 437 -39.31 31.10 -7.31
N LYS A 438 -38.57 30.25 -6.60
CA LYS A 438 -37.84 30.68 -5.43
C LYS A 438 -36.42 30.13 -5.48
N GLU A 439 -35.53 30.79 -4.76
CA GLU A 439 -34.12 30.45 -4.75
C GLU A 439 -33.91 29.08 -4.10
N GLN A 440 -32.85 28.40 -4.54
CA GLN A 440 -32.60 27.03 -4.09
C GLN A 440 -32.30 26.95 -2.59
N MET A 441 -31.55 27.91 -2.05
CA MET A 441 -31.23 27.87 -0.64
C MET A 441 -32.47 27.99 0.23
N GLN A 442 -33.39 28.90 -0.13
CA GLN A 442 -34.62 29.05 0.64
C GLN A 442 -35.52 27.82 0.53
N LEU A 443 -35.58 27.24 -0.67
CA LEU A 443 -36.41 26.02 -0.90
C LEU A 443 -35.79 24.86 -0.11
N LEU A 444 -34.48 24.91 0.16
CA LEU A 444 -33.83 23.85 0.93
C LEU A 444 -34.30 23.83 2.37
N THR A 445 -34.48 25.00 2.99
CA THR A 445 -34.85 25.12 4.39
C THR A 445 -36.36 25.18 4.60
N GLU A 446 -37.14 25.07 3.53
CA GLU A 446 -38.59 25.11 3.66
C GLU A 446 -39.10 23.91 4.45
N MET A 447 -38.68 22.71 4.07
CA MET A 447 -38.98 21.51 4.84
C MET A 447 -38.00 21.29 5.99
N ASN A 448 -36.90 22.05 6.03
CA ASN A 448 -35.94 22.07 7.12
C ASN A 448 -35.44 20.65 7.45
N VAL A 449 -35.23 19.90 6.36
CA VAL A 449 -34.79 18.50 6.51
C VAL A 449 -33.42 18.43 7.17
N PHE A 450 -32.67 19.53 7.18
CA PHE A 450 -31.39 19.57 7.86
C PHE A 450 -31.57 19.87 9.35
N LYS A 451 -32.45 19.13 10.01
CA LYS A 451 -32.75 19.37 11.42
C LYS A 451 -31.54 19.14 12.32
N SER A 452 -31.12 17.89 12.43
CA SER A 452 -30.05 17.48 13.33
C SER A 452 -29.85 15.97 13.15
N LYS A 453 -28.83 15.45 13.83
CA LYS A 453 -28.54 14.02 13.87
C LYS A 453 -28.29 13.58 15.30
N LYS A 454 -28.99 14.19 16.25
CA LYS A 454 -28.76 13.97 17.68
C LYS A 454 -29.59 12.82 18.24
N GLU A 455 -30.33 12.09 17.42
CA GLU A 455 -31.16 11.00 17.92
C GLU A 455 -30.31 9.93 18.59
N LYS A 456 -29.25 9.49 17.92
CA LYS A 456 -28.37 8.48 18.52
C LYS A 456 -27.67 9.01 19.75
N TYR A 457 -27.27 10.29 19.74
CA TYR A 457 -26.55 10.86 20.86
C TYR A 457 -27.43 11.05 22.09
N VAL A 458 -28.73 11.27 21.90
CA VAL A 458 -29.64 11.36 23.05
C VAL A 458 -30.22 10.00 23.43
N ASN A 459 -30.11 9.00 22.55
CA ASN A 459 -30.49 7.64 22.94
C ASN A 459 -29.58 7.12 24.05
N TYR A 460 -28.29 7.46 23.98
CA TYR A 460 -27.33 7.04 25.00
C TYR A 460 -26.87 8.23 25.84
N GLU A 465 -17.89 5.53 20.39
CA GLU A 465 -16.82 5.95 19.50
C GLU A 465 -17.15 5.66 18.04
N ASN A 466 -17.72 4.47 17.80
CA ASN A 466 -17.96 4.02 16.44
C ASN A 466 -18.91 4.95 15.69
N GLU A 467 -19.84 5.58 16.39
CA GLU A 467 -20.72 6.56 15.75
C GLU A 467 -19.96 7.81 15.34
N VAL A 468 -18.81 8.08 15.95
CA VAL A 468 -17.97 9.20 15.56
C VAL A 468 -16.75 8.76 14.76
N VAL A 469 -16.21 7.57 15.02
CA VAL A 469 -15.06 7.06 14.27
C VAL A 469 -15.43 6.87 12.81
N LYS A 470 -16.64 6.37 12.54
CA LYS A 470 -17.06 6.13 11.17
C LYS A 470 -17.06 7.42 10.34
N GLU A 471 -17.44 8.54 10.94
CA GLU A 471 -17.45 9.83 10.25
C GLU A 471 -16.04 10.27 9.92
N ASN A 474 -7.95 9.37 6.86
CA ASN A 474 -6.87 9.57 7.81
C ASN A 474 -6.91 8.54 8.93
N PRO A 475 -6.00 7.57 8.89
CA PRO A 475 -5.97 6.54 9.93
C PRO A 475 -5.20 6.93 11.18
N VAL A 476 -4.81 8.19 11.34
CA VAL A 476 -4.03 8.65 12.48
C VAL A 476 -4.88 9.47 13.44
N VAL A 477 -5.58 10.47 12.92
CA VAL A 477 -6.46 11.27 13.78
C VAL A 477 -7.57 10.40 14.34
N VAL A 478 -7.85 9.25 13.72
CA VAL A 478 -8.81 8.31 14.30
C VAL A 478 -8.32 7.84 15.66
N LYS A 479 -7.07 7.38 15.74
CA LYS A 479 -6.51 7.00 17.03
C LYS A 479 -6.41 8.18 17.98
N SER A 480 -6.03 9.35 17.46
CA SER A 480 -5.89 10.51 18.32
C SER A 480 -7.23 10.86 18.98
N ILE A 481 -8.30 10.94 18.20
CA ILE A 481 -9.61 11.27 18.77
C ILE A 481 -10.11 10.14 19.65
N ARG A 482 -9.74 8.89 19.35
CA ARG A 482 -10.12 7.80 20.24
C ARG A 482 -9.51 8.00 21.62
N THR A 483 -8.23 8.38 21.68
CA THR A 483 -7.61 8.69 22.97
C THR A 483 -8.29 9.88 23.63
N THR A 484 -8.62 10.92 22.85
CA THR A 484 -9.27 12.09 23.44
C THR A 484 -10.59 11.73 24.10
N VAL A 485 -11.41 10.93 23.41
CA VAL A 485 -12.71 10.57 23.96
C VAL A 485 -12.56 9.62 25.14
N LYS A 486 -11.56 8.74 25.10
CA LYS A 486 -11.30 7.89 26.28
C LYS A 486 -11.00 8.74 27.50
N ILE A 487 -10.12 9.74 27.35
CA ILE A 487 -9.77 10.59 28.47
C ILE A 487 -10.97 11.41 28.93
N LEU A 488 -11.79 11.88 27.98
CA LEU A 488 -12.94 12.68 28.34
C LEU A 488 -13.96 11.86 29.14
N ASN A 489 -14.21 10.63 28.72
CA ASN A 489 -15.07 9.74 29.52
C ASN A 489 -14.48 9.47 30.88
N ALA A 490 -13.16 9.27 30.97
CA ALA A 490 -12.55 9.03 32.28
C ALA A 490 -12.76 10.22 33.21
N LEU A 491 -12.50 11.43 32.72
CA LEU A 491 -12.70 12.61 33.57
C LEU A 491 -14.16 12.84 33.91
N ILE A 492 -15.08 12.55 32.97
CA ILE A 492 -16.50 12.70 33.27
C ILE A 492 -16.92 11.75 34.38
N LYS A 493 -16.48 10.49 34.30
CA LYS A 493 -16.82 9.53 35.35
C LYS A 493 -16.16 9.88 36.67
N LYS A 494 -15.00 10.55 36.63
CA LYS A 494 -14.38 10.98 37.89
C LYS A 494 -15.06 12.22 38.45
N TYR A 495 -14.96 13.35 37.74
CA TYR A 495 -15.57 14.59 38.17
C TYR A 495 -15.40 15.63 37.07
N GLY A 496 -16.41 16.47 36.90
CA GLY A 496 -16.29 17.61 36.00
C GLY A 496 -17.06 17.51 34.70
N TYR A 497 -17.98 18.44 34.49
CA TYR A 497 -18.73 18.55 33.25
C TYR A 497 -19.20 20.00 33.07
N PRO A 498 -18.27 20.98 33.03
CA PRO A 498 -18.66 22.39 33.05
C PRO A 498 -19.36 22.84 31.78
N ARG A 684 -9.55 22.38 9.66
CA ARG A 684 -9.42 21.09 8.99
C ARG A 684 -10.76 20.34 8.91
N TYR A 685 -10.76 19.24 8.17
CA TYR A 685 -11.90 18.35 8.14
C TYR A 685 -12.06 17.62 9.48
N ALA A 686 -10.97 17.03 9.97
CA ALA A 686 -11.02 16.31 11.24
C ALA A 686 -11.33 17.25 12.39
N SER A 687 -10.72 18.44 12.39
CA SER A 687 -10.99 19.40 13.45
C SER A 687 -12.45 19.80 13.48
N ARG A 688 -13.02 20.10 12.32
CA ARG A 688 -14.44 20.47 12.25
C ARG A 688 -15.31 19.33 12.74
N VAL A 689 -15.02 18.10 12.30
CA VAL A 689 -15.85 16.96 12.69
C VAL A 689 -15.80 16.75 14.21
N VAL A 690 -14.61 16.78 14.79
CA VAL A 690 -14.48 16.49 16.22
C VAL A 690 -15.10 17.61 17.05
N LEU A 691 -14.91 18.86 16.63
CA LEU A 691 -15.51 19.98 17.35
C LEU A 691 -17.03 19.93 17.31
N ASN A 692 -17.60 19.64 16.13
CA ASN A 692 -19.05 19.52 16.03
C ASN A 692 -19.57 18.37 16.87
N GLU A 693 -18.86 17.23 16.86
CA GLU A 693 -19.31 16.09 17.66
C GLU A 693 -19.29 16.40 19.14
N MET A 694 -18.22 17.04 19.63
CA MET A 694 -18.16 17.40 21.05
C MET A 694 -19.25 18.40 21.42
N GLN A 695 -19.47 19.42 20.57
CA GLN A 695 -20.50 20.39 20.87
C GLN A 695 -21.88 19.75 20.90
N SER A 696 -22.17 18.85 19.95
CA SER A 696 -23.45 18.16 19.94
C SER A 696 -23.62 17.31 21.20
N PHE A 697 -22.59 16.53 21.56
CA PHE A 697 -22.72 15.66 22.72
C PHE A 697 -22.91 16.46 24.00
N PHE A 698 -22.17 17.57 24.15
CA PHE A 698 -22.28 18.35 25.37
C PHE A 698 -23.50 19.27 25.40
N GLU A 699 -24.13 19.52 24.25
CA GLU A 699 -25.42 20.19 24.24
C GLU A 699 -26.58 19.21 24.36
N SER A 700 -26.33 17.90 24.21
CA SER A 700 -27.37 16.93 24.48
C SER A 700 -27.66 16.81 25.97
N ARG A 701 -26.73 17.23 26.81
CA ARG A 701 -26.88 17.11 28.26
C ARG A 701 -27.83 18.16 28.80
N LYS A 702 -28.50 17.83 29.90
CA LYS A 702 -29.47 18.70 30.53
C LYS A 702 -28.80 19.58 31.58
N TYR A 703 -29.27 20.83 31.68
CA TYR A 703 -28.76 21.81 32.63
C TYR A 703 -27.25 21.97 32.51
N CYS A 704 -26.76 22.00 31.27
CA CYS A 704 -25.34 22.09 30.98
C CYS A 704 -25.04 23.45 30.36
N ASN A 705 -23.98 24.09 30.83
CA ASN A 705 -23.54 25.39 30.34
C ASN A 705 -22.08 25.35 29.93
N THR A 706 -21.71 24.33 29.15
CA THR A 706 -20.32 24.14 28.76
C THR A 706 -19.92 25.15 27.69
N LYS A 707 -18.80 25.83 27.91
CA LYS A 707 -18.24 26.76 26.93
C LYS A 707 -17.07 26.08 26.24
N VAL A 708 -17.35 25.43 25.11
CA VAL A 708 -16.32 24.75 24.32
C VAL A 708 -15.73 25.76 23.36
N LYS A 709 -14.57 26.31 23.72
CA LYS A 709 -13.92 27.35 22.93
C LYS A 709 -12.54 26.86 22.50
N VAL A 710 -12.28 26.91 21.20
CA VAL A 710 -10.98 26.51 20.67
C VAL A 710 -10.35 27.67 19.90
N LYS A 807 -1.99 13.88 24.95
CA LYS A 807 -2.53 12.56 24.63
C LYS A 807 -1.98 12.03 23.31
N TYR A 808 -0.68 12.22 23.07
CA TYR A 808 -0.08 11.84 21.80
C TYR A 808 0.26 10.34 21.85
N ASN A 809 -0.78 9.54 21.66
CA ASN A 809 -0.71 8.10 21.40
C ASN A 809 0.41 7.39 22.17
N TYR A 810 0.46 7.63 23.48
CA TYR A 810 1.45 6.98 24.31
C TYR A 810 1.10 5.51 24.50
N LYS A 811 0.01 5.25 25.22
CA LYS A 811 -0.55 3.92 25.45
C LYS A 811 0.46 2.85 25.85
N ILE A 812 0.25 1.62 25.37
CA ILE A 812 1.20 0.52 25.44
C ILE A 812 1.00 -0.34 24.20
N ASP A 813 1.79 -1.41 24.10
CA ASP A 813 1.70 -2.36 23.00
C ASP A 813 1.23 -3.72 23.49
N LYS A 814 0.24 -4.29 22.82
CA LYS A 814 -0.30 -5.58 23.19
C LYS A 814 -0.61 -6.45 21.98
N LYS A 815 -0.32 -6.00 20.77
CA LYS A 815 -0.69 -6.71 19.56
C LYS A 815 0.36 -7.75 19.17
N CYS A 816 -0.05 -8.67 18.30
CA CYS A 816 0.84 -9.67 17.74
C CYS A 816 1.03 -9.41 16.24
N ASN A 817 2.03 -10.10 15.67
CA ASN A 817 2.34 -10.03 14.24
C ASN A 817 2.67 -8.60 13.81
N ARG A 818 3.71 -8.06 14.42
CA ARG A 818 4.30 -6.79 14.02
C ARG A 818 5.49 -7.10 13.11
N GLY A 819 6.29 -6.08 12.83
CA GLY A 819 7.48 -6.29 12.02
C GLY A 819 8.39 -7.32 12.66
N LEU A 820 8.42 -8.51 12.06
CA LEU A 820 9.10 -9.65 12.67
C LEU A 820 10.62 -9.46 12.62
N CYS A 821 11.16 -9.25 11.41
CA CYS A 821 12.57 -9.03 11.20
C CYS A 821 12.74 -7.95 10.13
N ASN A 822 13.99 -7.55 9.89
CA ASN A 822 14.29 -6.40 9.06
C ASN A 822 14.70 -6.77 7.63
N GLN A 823 14.15 -7.85 7.10
CA GLN A 823 14.37 -8.26 5.70
C GLN A 823 15.88 -8.42 5.47
N THR A 824 16.38 -8.16 4.27
CA THR A 824 17.81 -8.15 3.98
C THR A 824 18.45 -9.51 4.31
N ILE A 825 18.09 -10.50 3.48
CA ILE A 825 18.65 -11.88 3.59
C ILE A 825 20.16 -11.77 3.59
N TYR A 826 20.80 -12.38 4.57
CA TYR A 826 22.26 -12.34 4.68
C TYR A 826 22.87 -13.70 4.39
N GLY A 827 23.99 -13.69 3.68
CA GLY A 827 24.78 -14.88 3.44
C GLY A 827 26.03 -14.84 4.30
N THR A 828 26.34 -15.96 4.93
CA THR A 828 27.38 -16.03 5.95
C THR A 828 28.39 -17.11 5.59
N ARG A 829 29.63 -16.92 6.05
CA ARG A 829 30.71 -17.86 5.78
C ARG A 829 31.38 -18.28 7.08
N GLU A 830 32.49 -19.01 6.95
CA GLU A 830 33.19 -19.57 8.09
C GLU A 830 34.66 -19.17 8.04
N LYS A 831 35.23 -18.87 9.21
CA LYS A 831 36.64 -18.55 9.33
C LYS A 831 37.12 -19.02 10.70
N ASP A 832 38.17 -19.86 10.70
CA ASP A 832 38.74 -20.49 11.90
C ASP A 832 37.66 -20.97 12.87
N GLY A 833 36.67 -21.67 12.32
CA GLY A 833 35.65 -22.29 13.13
C GLY A 833 34.53 -21.38 13.59
N LYS A 834 34.56 -20.10 13.24
CA LYS A 834 33.55 -19.14 13.62
C LYS A 834 32.78 -18.68 12.39
N ILE A 835 31.46 -18.64 12.51
CA ILE A 835 30.61 -18.27 11.39
C ILE A 835 30.37 -16.76 11.42
N HIS A 836 30.73 -16.09 10.34
CA HIS A 836 30.71 -14.64 10.24
C HIS A 836 29.75 -14.20 9.13
N LYS A 837 28.91 -13.23 9.44
CA LYS A 837 28.00 -12.66 8.45
C LYS A 837 28.74 -11.69 7.54
N ILE A 838 28.43 -11.73 6.25
CA ILE A 838 29.16 -10.99 5.23
C ILE A 838 28.25 -9.97 4.58
N SER A 839 28.68 -8.72 4.54
CA SER A 839 27.91 -7.61 3.91
C SER A 839 28.84 -7.13 2.80
N SER A 840 28.31 -6.89 1.59
CA SER A 840 29.10 -6.33 0.46
C SER A 840 29.20 -4.81 0.57
N TYR A 841 30.32 -4.21 0.17
CA TYR A 841 30.47 -2.76 0.20
C TYR A 841 30.42 -2.22 -1.22
N ASN A 842 29.49 -1.27 -1.45
CA ASN A 842 29.37 -0.60 -2.76
C ASN A 842 30.46 0.46 -2.87
N ILE A 843 31.28 0.40 -3.91
CA ILE A 843 32.32 1.40 -4.11
C ILE A 843 31.74 2.72 -4.59
N TYR A 844 30.74 2.66 -5.48
CA TYR A 844 30.28 3.85 -6.19
C TYR A 844 29.31 4.70 -5.37
N ASP A 845 29.29 4.55 -4.05
CA ASP A 845 28.55 5.44 -3.17
C ASP A 845 29.53 6.26 -2.35
N ASP A 846 29.33 7.58 -2.34
CA ASP A 846 30.31 8.48 -1.72
C ASP A 846 30.48 8.19 -0.23
N LYS A 847 29.38 7.98 0.49
CA LYS A 847 29.47 7.62 1.90
C LYS A 847 30.19 6.29 2.07
N GLU A 848 29.84 5.30 1.25
CA GLU A 848 30.53 4.01 1.34
C GLU A 848 31.93 4.10 0.78
N CYS A 849 32.20 5.09 -0.07
CA CYS A 849 33.54 5.30 -0.64
C CYS A 849 34.41 5.77 0.51
N ASN A 850 33.88 6.68 1.33
CA ASN A 850 34.59 7.14 2.52
C ASN A 850 34.74 6.02 3.55
N SER A 851 33.73 5.16 3.65
CA SER A 851 33.82 4.02 4.56
C SER A 851 34.97 3.10 4.18
N LEU A 852 35.08 2.76 2.90
CA LEU A 852 36.19 1.93 2.45
C LEU A 852 37.51 2.67 2.60
N LYS A 853 37.50 3.99 2.42
CA LYS A 853 38.68 4.81 2.66
C LYS A 853 39.19 4.64 4.08
N LYS A 854 38.31 4.86 5.06
CA LYS A 854 38.73 4.78 6.46
C LYS A 854 38.98 3.34 6.90
N MET A 855 38.40 2.36 6.20
CA MET A 855 38.69 0.97 6.52
C MET A 855 40.06 0.54 6.02
N ILE A 856 40.41 0.93 4.79
CA ILE A 856 41.71 0.58 4.24
C ILE A 856 42.82 1.34 4.94
N ASN A 857 42.64 2.65 5.17
CA ASN A 857 43.70 3.45 5.78
C ASN A 857 44.00 3.03 7.21
N SER A 858 43.03 2.44 7.91
CA SER A 858 43.23 2.04 9.30
C SER A 858 43.78 0.62 9.44
N GLY A 859 44.05 -0.06 8.32
CA GLY A 859 44.60 -1.39 8.37
C GLY A 859 43.63 -2.48 8.77
N LYS A 860 42.35 -2.17 8.87
CA LYS A 860 41.34 -3.12 9.33
C LYS A 860 40.79 -3.98 8.20
N GLY A 861 41.25 -3.79 6.97
CA GLY A 861 40.73 -4.53 5.85
C GLY A 861 41.59 -5.71 5.43
N SER A 862 42.90 -5.50 5.33
CA SER A 862 43.78 -6.53 4.81
C SER A 862 43.81 -7.77 5.70
N ASP A 863 43.59 -7.59 7.01
CA ASP A 863 43.62 -8.73 7.91
C ASP A 863 42.46 -9.69 7.65
N LEU A 864 41.33 -9.18 7.18
CA LEU A 864 40.21 -10.04 6.86
C LEU A 864 40.48 -10.79 5.56
N LEU A 865 39.94 -12.01 5.47
CA LEU A 865 40.22 -12.88 4.34
C LEU A 865 39.36 -12.60 3.12
N MET A 866 38.44 -11.65 3.20
CA MET A 866 37.68 -11.24 2.02
C MET A 866 38.54 -10.36 1.13
N TYR A 867 38.55 -10.68 -0.17
CA TYR A 867 39.33 -10.05 -1.23
C TYR A 867 40.80 -10.42 -1.10
N ASN A 868 41.17 -11.24 -0.12
CA ASN A 868 42.50 -11.84 -0.03
C ASN A 868 42.64 -13.06 -0.92
N ASN A 869 41.53 -13.62 -1.40
CA ASN A 869 41.59 -14.73 -2.33
C ASN A 869 42.19 -14.33 -3.67
N ASP A 870 42.18 -13.03 -3.99
CA ASP A 870 42.90 -12.47 -5.14
C ASP A 870 43.96 -11.53 -4.57
N PRO A 871 45.21 -11.99 -4.42
CA PRO A 871 46.23 -11.11 -3.85
C PRO A 871 46.65 -10.00 -4.79
N LYS A 872 46.81 -10.28 -6.08
CA LYS A 872 47.20 -9.24 -7.02
C LYS A 872 46.10 -8.20 -7.21
N THR A 873 44.84 -8.63 -7.16
CA THR A 873 43.72 -7.73 -7.42
C THR A 873 43.49 -6.73 -6.29
N TYR A 874 44.17 -6.89 -5.15
CA TYR A 874 43.98 -5.98 -4.03
C TYR A 874 44.84 -4.73 -4.11
N ARG A 875 46.14 -4.89 -4.38
CA ARG A 875 47.04 -3.73 -4.43
C ARG A 875 46.63 -2.75 -5.52
N ASP A 876 45.85 -3.20 -6.50
CA ASP A 876 45.32 -2.27 -7.50
C ASP A 876 44.40 -1.24 -6.87
N MET A 877 43.61 -1.64 -5.87
CA MET A 877 42.83 -0.66 -5.10
C MET A 877 43.73 0.42 -4.52
N LEU A 878 44.84 0.02 -3.89
CA LEU A 878 45.75 1.00 -3.30
C LEU A 878 46.36 1.90 -4.36
N LYS A 879 46.76 1.33 -5.49
CA LYS A 879 47.38 2.12 -6.54
C LYS A 879 46.40 3.14 -7.11
N ILE A 880 45.16 2.72 -7.35
CA ILE A 880 44.15 3.66 -7.83
C ILE A 880 43.81 4.70 -6.77
N LEU A 881 43.83 4.27 -5.51
CA LEU A 881 43.40 5.13 -4.38
C LEU A 881 44.42 6.22 -4.04
N GLU A 882 45.67 5.87 -3.69
CA GLU A 882 46.63 6.83 -3.16
C GLU A 882 47.07 7.86 -4.19
N THR A 883 47.00 7.55 -5.48
CA THR A 883 47.31 8.54 -6.49
C THR A 883 46.20 9.56 -6.65
N TYR A 884 44.96 9.17 -6.38
CA TYR A 884 43.78 10.02 -6.59
C TYR A 884 42.90 10.03 -5.36
N SER A 885 43.52 10.18 -4.19
CA SER A 885 42.77 10.17 -2.93
C SER A 885 41.80 11.34 -2.84
N SER A 886 42.34 12.56 -2.79
CA SER A 886 41.54 13.79 -2.72
C SER A 886 40.47 13.78 -1.63
N GLU A 887 39.33 14.39 -1.92
CA GLU A 887 38.18 14.42 -1.01
C GLU A 887 36.91 14.12 -1.78
N LYS A 888 36.99 13.17 -2.71
CA LYS A 888 35.86 12.80 -3.55
C LYS A 888 35.89 11.28 -3.68
N ASN A 889 35.21 10.75 -4.70
CA ASN A 889 35.29 9.32 -4.99
C ASN A 889 36.45 9.03 -5.94
N PRO A 890 37.47 8.24 -5.52
CA PRO A 890 38.63 7.98 -6.37
C PRO A 890 38.25 7.35 -7.72
N PHE A 891 37.18 6.55 -7.79
CA PHE A 891 36.83 5.90 -9.05
C PHE A 891 36.20 6.87 -10.04
N VAL A 892 35.50 7.87 -9.49
CA VAL A 892 34.85 8.90 -10.34
C VAL A 892 35.96 9.61 -11.11
N ALA A 893 36.99 10.08 -10.42
CA ALA A 893 38.14 10.74 -11.05
C ALA A 893 38.91 9.76 -11.93
N TYR A 894 38.93 8.48 -11.58
CA TYR A 894 39.60 7.48 -12.41
C TYR A 894 38.96 7.41 -13.79
N ASN A 895 37.64 7.33 -13.85
CA ASN A 895 36.99 7.26 -15.17
C ASN A 895 36.94 8.63 -15.84
N LYS A 896 37.07 9.72 -15.08
CA LYS A 896 37.12 11.03 -15.70
C LYS A 896 38.45 11.27 -16.39
N GLU A 897 39.56 10.89 -15.75
CA GLU A 897 40.88 11.18 -16.30
C GLU A 897 41.37 10.06 -17.21
N THR A 898 41.51 8.84 -16.66
CA THR A 898 41.97 7.72 -17.47
C THR A 898 40.88 7.26 -18.43
N GLY A 899 39.63 7.23 -17.97
CA GLY A 899 38.51 6.75 -18.77
C GLY A 899 38.19 5.30 -18.54
N ASP A 900 39.21 4.46 -18.44
CA ASP A 900 39.01 3.04 -18.21
C ASP A 900 38.47 2.79 -16.81
N TYR A 901 37.70 1.71 -16.67
CA TYR A 901 37.14 1.33 -15.39
C TYR A 901 38.18 0.54 -14.58
N PHE A 902 37.72 -0.09 -13.50
CA PHE A 902 38.54 -0.97 -12.69
C PHE A 902 38.19 -2.42 -13.03
N ARG A 903 39.21 -3.20 -13.38
CA ARG A 903 39.04 -4.60 -13.77
C ARG A 903 39.96 -5.47 -12.93
N LYS A 904 39.85 -6.79 -13.14
CA LYS A 904 40.59 -7.84 -12.40
C LYS A 904 41.95 -8.14 -13.03
N TYR A 905 42.98 -8.34 -12.24
CA TYR A 905 44.31 -8.56 -12.78
C TYR A 905 44.27 -9.65 -13.83
N SER A 906 44.87 -9.38 -14.98
CA SER A 906 44.93 -10.33 -16.08
C SER A 906 45.94 -9.85 -17.10
N LYS A 907 46.76 -10.77 -17.60
CA LYS A 907 47.71 -10.43 -18.65
C LYS A 907 46.98 -10.00 -19.92
N ASN A 908 45.86 -10.66 -20.23
CA ASN A 908 45.06 -10.32 -21.40
C ASN A 908 44.07 -9.20 -21.14
N HIS A 909 44.04 -8.66 -19.93
CA HIS A 909 43.08 -7.62 -19.53
C HIS A 909 41.65 -8.09 -19.76
N ASN A 910 41.39 -9.37 -19.45
CA ASN A 910 40.07 -9.96 -19.56
C ASN A 910 39.28 -9.90 -18.27
N GLY A 911 39.85 -9.31 -17.21
CA GLY A 911 39.23 -9.31 -15.91
C GLY A 911 37.89 -8.60 -15.88
N PRO A 912 36.87 -9.29 -15.37
CA PRO A 912 35.57 -8.64 -15.17
C PRO A 912 35.69 -7.46 -14.23
N LYS A 913 34.87 -6.44 -14.47
CA LYS A 913 34.93 -5.22 -13.66
C LYS A 913 34.59 -5.37 -12.19
N VAL A 914 35.33 -4.64 -11.35
CA VAL A 914 35.07 -4.68 -9.90
C VAL A 914 34.37 -3.39 -9.49
N GLU A 915 33.16 -3.51 -8.95
CA GLU A 915 32.40 -2.31 -8.56
C GLU A 915 31.83 -2.47 -7.16
N LYS A 916 31.90 -3.67 -6.61
CA LYS A 916 31.34 -3.92 -5.30
C LYS A 916 32.24 -4.91 -4.59
N VAL A 917 32.71 -4.60 -3.38
CA VAL A 917 33.64 -5.51 -2.75
C VAL A 917 33.06 -5.97 -1.41
N LYS A 918 32.96 -7.30 -1.25
CA LYS A 918 32.48 -7.85 0.01
C LYS A 918 33.50 -7.65 1.12
N TYR A 919 33.03 -7.67 2.36
CA TYR A 919 33.95 -7.74 3.50
C TYR A 919 33.19 -8.24 4.71
N TYR A 920 33.92 -8.86 5.64
CA TYR A 920 33.31 -9.47 6.82
C TYR A 920 32.62 -8.43 7.69
N SER A 921 31.68 -8.90 8.51
CA SER A 921 30.99 -8.03 9.46
C SER A 921 31.17 -8.47 10.90
N GLY A 922 30.94 -9.74 11.20
CA GLY A 922 31.08 -10.22 12.56
C GLY A 922 30.25 -11.46 12.81
N GLN A 923 30.37 -11.96 14.03
CA GLN A 923 29.66 -13.19 14.41
C GLN A 923 28.16 -12.93 14.48
N ILE A 924 27.41 -14.03 14.44
CA ILE A 924 25.96 -14.00 14.58
C ILE A 924 25.60 -14.73 15.88
N ASN A 925 24.80 -14.07 16.71
CA ASN A 925 24.26 -14.68 17.92
C ASN A 925 22.75 -14.78 17.87
N SER A 926 22.06 -13.69 17.55
CA SER A 926 20.63 -13.69 17.35
C SER A 926 20.36 -13.80 15.85
N CYS A 927 19.61 -14.81 15.44
CA CYS A 927 19.35 -15.03 14.04
C CYS A 927 18.11 -15.91 13.91
N ILE A 928 17.54 -15.92 12.71
CA ILE A 928 16.47 -16.83 12.35
C ILE A 928 17.05 -17.85 11.39
N ASP A 929 17.02 -19.13 11.78
CA ASP A 929 17.56 -20.19 10.94
C ASP A 929 16.65 -20.39 9.74
N ILE A 930 17.14 -20.03 8.56
CA ILE A 930 16.36 -20.12 7.34
C ILE A 930 16.94 -21.12 6.35
N SER A 931 18.22 -21.47 6.47
CA SER A 931 18.90 -22.29 5.47
C SER A 931 18.14 -23.57 5.12
N HIS A 932 17.24 -24.03 5.98
CA HIS A 932 16.42 -25.19 5.63
C HIS A 932 15.48 -24.89 4.47
N LYS A 933 15.28 -23.63 4.12
CA LYS A 933 14.43 -23.21 2.97
C LYS A 933 15.31 -23.14 1.74
N TYR A 934 16.57 -23.57 1.82
CA TYR A 934 17.44 -23.60 0.66
C TYR A 934 17.95 -24.99 0.34
N GLY A 935 17.38 -26.02 0.96
CA GLY A 935 17.82 -27.38 0.75
C GLY A 935 18.92 -27.85 1.69
N HIS A 936 19.51 -26.95 2.46
CA HIS A 936 20.56 -27.34 3.38
C HIS A 936 19.97 -28.01 4.62
N ALA A 937 20.86 -28.43 5.51
CA ALA A 937 20.46 -29.15 6.71
C ALA A 937 19.79 -28.20 7.72
N LYS A 938 19.02 -28.81 8.62
CA LYS A 938 18.32 -28.04 9.65
C LYS A 938 19.32 -27.35 10.58
N ASN A 939 19.10 -26.05 10.79
CA ASN A 939 20.00 -25.22 11.60
C ASN A 939 21.45 -25.30 11.15
N SER A 940 21.68 -25.33 9.84
CA SER A 940 23.04 -25.27 9.33
C SER A 940 23.63 -23.87 9.41
N LYS A 941 22.79 -22.84 9.56
CA LYS A 941 23.23 -21.45 9.66
C LYS A 941 24.04 -21.00 8.45
N LYS A 942 23.68 -21.49 7.25
CA LYS A 942 24.33 -21.01 6.04
C LYS A 942 23.73 -19.69 5.57
N VAL A 943 22.44 -19.47 5.78
CA VAL A 943 21.78 -18.21 5.47
C VAL A 943 20.90 -17.82 6.65
N VAL A 944 21.07 -16.60 7.14
CA VAL A 944 20.42 -16.15 8.36
C VAL A 944 19.74 -14.81 8.13
N LEU A 945 18.80 -14.50 9.02
CA LEU A 945 18.15 -13.19 9.09
C LEU A 945 18.32 -12.64 10.49
N VAL A 946 18.65 -11.35 10.59
CA VAL A 946 19.16 -10.76 11.82
C VAL A 946 18.15 -9.71 12.30
N SER A 947 18.40 -9.20 13.52
CA SER A 947 17.64 -8.10 14.11
C SER A 947 16.17 -8.48 14.32
N LEU A 948 15.97 -9.47 15.19
CA LEU A 948 14.61 -9.85 15.58
C LEU A 948 14.02 -8.80 16.50
N ASN A 949 12.70 -8.90 16.71
CA ASN A 949 12.00 -7.87 17.48
C ASN A 949 11.39 -8.46 18.75
N PRO A 950 11.32 -7.68 19.83
CA PRO A 950 10.82 -8.21 21.10
C PRO A 950 9.32 -8.02 21.29
N TYR A 951 8.74 -8.87 22.13
CA TYR A 951 7.33 -8.84 22.46
C TYR A 951 7.06 -8.62 23.94
N ARG A 952 7.73 -9.37 24.80
CA ARG A 952 7.42 -9.40 26.21
C ARG A 952 8.59 -10.02 26.97
N THR A 953 8.72 -9.63 28.23
CA THR A 953 9.65 -10.30 29.15
C THR A 953 8.98 -10.50 30.50
N ASP A 954 9.14 -11.69 31.05
CA ASP A 954 8.45 -12.12 32.25
C ASP A 954 9.43 -12.17 33.42
N VAL A 955 9.34 -11.19 34.32
CA VAL A 955 10.17 -11.24 35.52
C VAL A 955 9.79 -12.47 36.33
N TYR A 956 10.79 -13.22 36.78
CA TYR A 956 10.59 -14.42 37.57
C TYR A 956 11.29 -14.25 38.91
N TYR A 957 10.65 -14.74 39.97
CA TYR A 957 11.17 -14.65 41.32
C TYR A 957 10.99 -15.99 42.02
N ASP A 958 12.03 -16.44 42.70
CA ASP A 958 11.96 -17.61 43.57
C ASP A 958 12.13 -17.16 45.01
N ASN A 959 11.28 -17.69 45.89
CA ASN A 959 11.30 -17.27 47.28
C ASN A 959 12.41 -17.94 48.10
N ASP A 960 13.11 -18.91 47.53
CA ASP A 960 14.20 -19.55 48.25
C ASP A 960 15.37 -18.60 48.44
N THR A 961 15.77 -17.90 47.39
CA THR A 961 16.90 -16.98 47.46
C THR A 961 16.69 -15.66 46.73
N GLY A 962 15.53 -15.43 46.14
CA GLY A 962 15.26 -14.18 45.45
C GLY A 962 16.11 -13.97 44.21
N LYS A 963 16.29 -15.02 43.42
CA LYS A 963 17.06 -14.93 42.16
C LYS A 963 16.28 -14.15 41.10
N TYR A 964 16.95 -13.68 40.05
CA TYR A 964 16.39 -12.90 38.97
C TYR A 964 16.36 -13.72 37.69
N TYR A 965 15.21 -13.75 37.01
CA TYR A 965 15.08 -14.46 35.72
C TYR A 965 14.20 -13.59 34.82
N LEU A 966 14.81 -12.62 34.12
CA LEU A 966 14.09 -11.73 33.21
C LEU A 966 13.94 -12.40 31.86
N VAL A 967 13.20 -13.51 31.86
CA VAL A 967 13.03 -14.30 30.65
C VAL A 967 12.28 -13.49 29.60
N GLY A 968 12.98 -13.15 28.53
CA GLY A 968 12.39 -12.38 27.45
C GLY A 968 11.69 -13.22 26.41
N VAL A 969 10.83 -12.57 25.64
CA VAL A 969 10.13 -13.22 24.53
C VAL A 969 10.20 -12.29 23.32
N LYS A 970 10.38 -12.86 22.14
CA LYS A 970 10.47 -12.07 20.91
C LYS A 970 9.29 -12.42 20.01
N TYR A 971 9.22 -11.71 18.87
CA TYR A 971 8.06 -11.86 17.99
C TYR A 971 8.08 -13.20 17.26
N ASN A 972 9.26 -13.78 17.05
CA ASN A 972 9.36 -15.03 16.31
C ASN A 972 8.69 -16.19 17.04
N HIS A 973 8.75 -16.18 18.38
CA HIS A 973 8.25 -17.30 19.22
C HIS A 973 6.74 -17.31 19.32
N ILE A 974 6.04 -16.44 18.60
CA ILE A 974 4.60 -16.34 18.70
C ILE A 974 3.97 -16.88 17.43
N LYS A 975 3.04 -17.83 17.58
CA LYS A 975 2.24 -18.33 16.47
C LYS A 975 0.84 -17.72 16.59
N CYS A 976 0.72 -16.45 16.15
CA CYS A 976 -0.55 -15.70 16.24
C CYS A 976 -1.13 -15.22 14.94
N VAL A 977 -2.44 -15.02 14.87
CA VAL A 977 -3.07 -14.35 13.71
C VAL A 977 -4.33 -13.71 14.33
N GLY A 978 -4.20 -12.46 14.80
CA GLY A 978 -5.36 -11.67 15.15
C GLY A 978 -5.81 -11.93 16.57
N ASN A 979 -6.01 -13.19 16.93
CA ASN A 979 -6.57 -13.55 18.22
C ASN A 979 -5.79 -14.61 19.00
N LYS A 980 -5.04 -15.47 18.33
CA LYS A 980 -4.39 -16.61 18.99
C LYS A 980 -2.95 -16.28 19.35
N TYR A 981 -2.80 -15.41 20.35
CA TYR A 981 -1.46 -14.96 20.84
C TYR A 981 -0.87 -16.11 21.66
N VAL A 982 -0.56 -17.23 21.02
CA VAL A 982 -0.10 -18.41 21.72
C VAL A 982 1.42 -18.49 21.63
N ILE A 983 2.08 -18.53 22.78
CA ILE A 983 3.53 -18.73 22.81
C ILE A 983 3.88 -20.19 22.59
N ASP A 984 2.95 -21.11 22.84
CA ASP A 984 3.11 -22.56 22.65
C ASP A 984 3.97 -23.10 23.79
N SER A 985 3.85 -24.41 24.06
CA SER A 985 4.63 -25.02 25.13
C SER A 985 6.12 -25.00 24.81
N GLU A 986 6.50 -25.43 23.61
CA GLU A 986 7.89 -25.32 23.18
C GLU A 986 8.18 -23.88 22.78
N THR A 987 9.44 -23.62 22.42
CA THR A 987 9.93 -22.27 22.13
C THR A 987 9.58 -21.28 23.23
N TYR A 988 9.32 -21.78 24.43
CA TYR A 988 9.23 -21.00 25.66
C TYR A 988 10.07 -21.60 26.77
N ASN A 989 10.14 -22.93 26.85
CA ASN A 989 11.02 -23.58 27.82
C ASN A 989 12.48 -23.45 27.41
N GLU A 990 12.75 -23.20 26.12
CA GLU A 990 14.11 -23.05 25.66
C GLU A 990 14.72 -21.74 26.11
N LEU A 991 13.97 -20.63 25.99
CA LEU A 991 14.43 -19.38 26.60
C LEU A 991 14.50 -19.50 28.11
N LEU A 992 13.52 -20.19 28.69
CA LEU A 992 13.50 -20.44 30.16
C LEU A 992 14.83 -21.07 30.54
N ARG A 993 15.29 -22.08 29.78
CA ARG A 993 16.51 -22.81 30.11
C ARG A 993 17.75 -21.96 29.85
N LYS A 994 17.78 -21.24 28.72
CA LYS A 994 18.93 -20.41 28.41
C LYS A 994 19.13 -19.33 29.48
N GLU A 995 18.03 -18.75 29.96
CA GLU A 995 18.13 -17.77 31.04
C GLU A 995 18.48 -18.39 32.38
N GLY A 996 18.50 -19.72 32.48
CA GLY A 996 18.98 -20.40 33.66
C GLY A 996 17.92 -20.91 34.61
N VAL A 997 16.64 -20.71 34.30
CA VAL A 997 15.56 -21.16 35.19
C VAL A 997 15.56 -22.68 35.29
N LEU A 998 15.65 -23.35 34.16
CA LEU A 998 15.50 -24.80 34.08
C LEU A 998 16.74 -25.42 33.47
N ASN A 999 16.96 -26.68 33.78
CA ASN A 999 18.02 -27.47 33.19
C ASN A 999 17.42 -28.37 32.11
N SER A 1000 18.23 -29.29 31.59
CA SER A 1000 17.81 -30.10 30.45
C SER A 1000 16.55 -30.91 30.76
N ASP A 1001 16.35 -31.30 32.01
CA ASP A 1001 15.18 -32.11 32.35
C ASP A 1001 13.98 -31.26 32.71
N GLU A 1002 14.20 -30.22 33.52
CA GLU A 1002 13.10 -29.43 34.05
C GLU A 1002 12.36 -28.69 32.94
N ASN A 1003 11.04 -28.56 33.12
CA ASN A 1003 10.17 -27.98 32.10
C ASN A 1003 9.22 -26.97 32.72
N LEU A 1004 8.20 -26.54 31.97
CA LEU A 1004 7.28 -25.53 32.44
C LEU A 1004 6.37 -26.02 33.56
N GLU A 1005 6.37 -27.32 33.87
CA GLU A 1005 5.60 -27.83 34.98
C GLU A 1005 6.41 -27.96 36.26
N ASP A 1006 7.74 -27.88 36.15
CA ASP A 1006 8.69 -28.06 37.28
C ASP A 1006 9.04 -26.70 37.88
N LEU A 1007 8.06 -25.82 38.08
CA LEU A 1007 8.30 -24.44 38.59
C LEU A 1007 7.89 -24.34 40.06
N ASN A 1008 6.74 -24.91 40.46
CA ASN A 1008 6.28 -24.76 41.83
C ASN A 1008 7.32 -25.30 42.82
N SER A 1009 8.14 -26.26 42.38
CA SER A 1009 9.13 -26.86 43.29
C SER A 1009 10.11 -25.81 43.81
N LYS A 1010 10.56 -24.90 42.95
CA LYS A 1010 11.44 -23.82 43.35
C LYS A 1010 10.68 -22.51 43.56
N ASN A 1011 9.35 -22.57 43.61
CA ASN A 1011 8.50 -21.39 43.84
C ASN A 1011 8.69 -20.36 42.73
N ILE A 1012 8.55 -20.81 41.49
CA ILE A 1012 8.79 -19.99 40.30
C ILE A 1012 7.46 -19.70 39.63
N THR A 1013 7.11 -18.42 39.54
CA THR A 1013 5.89 -17.97 38.87
C THR A 1013 6.06 -16.49 38.56
N TYR A 1014 5.20 -15.98 37.68
CA TYR A 1014 5.29 -14.58 37.26
C TYR A 1014 5.24 -13.64 38.45
N LYS A 1015 6.05 -12.58 38.37
CA LYS A 1015 5.88 -11.41 39.21
C LYS A 1015 5.33 -10.22 38.45
N PHE A 1016 5.60 -10.12 37.15
CA PHE A 1016 5.01 -9.11 36.29
C PHE A 1016 4.80 -9.71 34.91
N SER A 1017 4.39 -8.86 33.97
CA SER A 1017 4.39 -9.19 32.55
C SER A 1017 4.57 -7.86 31.81
N LEU A 1018 5.80 -7.55 31.45
CA LEU A 1018 6.14 -6.23 30.92
C LEU A 1018 6.12 -6.22 29.41
N TYR A 1019 5.43 -5.25 28.83
CA TYR A 1019 5.39 -5.03 27.40
C TYR A 1019 6.17 -3.77 27.05
N LYS A 1020 6.33 -3.53 25.75
CA LYS A 1020 7.00 -2.33 25.30
C LYS A 1020 6.23 -1.10 25.79
N ASN A 1021 6.97 -0.08 26.23
CA ASN A 1021 6.41 1.15 26.77
C ASN A 1021 5.55 0.87 28.01
N ASP A 1022 6.16 0.16 28.96
CA ASP A 1022 5.57 -0.09 30.27
C ASP A 1022 6.35 0.70 31.33
N ILE A 1023 6.03 0.45 32.59
CA ILE A 1023 6.67 1.13 33.71
C ILE A 1023 7.22 0.07 34.66
N ILE A 1024 8.48 0.24 35.07
CA ILE A 1024 9.13 -0.69 35.99
C ILE A 1024 9.87 0.11 37.06
N GLN A 1025 10.13 -0.54 38.20
CA GLN A 1025 10.88 0.07 39.28
C GLN A 1025 12.25 -0.58 39.42
N TYR A 1026 13.20 0.20 39.93
CA TYR A 1026 14.59 -0.21 40.07
C TYR A 1026 15.13 0.32 41.39
N GLU A 1027 16.22 -0.28 41.85
CA GLU A 1027 16.84 0.11 43.12
C GLU A 1027 18.35 0.23 42.99
N LYS A 1028 18.84 0.77 41.88
CA LYS A 1028 20.26 0.99 41.67
C LYS A 1028 20.86 1.81 42.80
N GLY A 1029 21.72 1.20 43.60
CA GLY A 1029 22.38 1.95 44.66
C GLY A 1029 21.47 2.44 45.75
N GLY A 1030 20.26 1.86 45.85
CA GLY A 1030 19.29 2.22 46.91
C GLY A 1030 18.43 3.46 46.82
N GLU A 1031 18.65 4.28 45.79
CA GLU A 1031 17.69 5.24 45.18
C GLU A 1031 16.77 4.44 44.26
N TYR A 1032 15.46 4.65 44.34
CA TYR A 1032 14.48 3.89 43.51
C TYR A 1032 14.30 4.63 42.18
N TYR A 1033 14.70 4.00 41.07
CA TYR A 1033 14.63 4.61 39.71
C TYR A 1033 13.43 4.03 38.97
N THR A 1034 12.36 4.81 38.79
CA THR A 1034 11.19 4.33 38.07
C THR A 1034 11.38 4.64 36.59
N GLU A 1035 11.54 3.59 35.79
CA GLU A 1035 11.94 3.74 34.40
C GLU A 1035 11.10 2.87 33.49
N ARG A 1036 10.94 3.31 32.23
CA ARG A 1036 10.15 2.59 31.24
C ARG A 1036 10.94 1.40 30.71
N PHE A 1037 10.38 0.21 30.82
CA PHE A 1037 11.02 -0.97 30.24
C PHE A 1037 10.87 -0.97 28.72
N LEU A 1038 11.94 -1.35 28.01
CA LEU A 1038 11.87 -1.44 26.56
C LEU A 1038 12.02 -2.87 26.05
N SER A 1039 13.15 -3.53 26.32
CA SER A 1039 13.42 -4.83 25.71
C SER A 1039 14.66 -5.45 26.36
N ARG A 1040 15.01 -6.65 25.89
CA ARG A 1040 16.20 -7.36 26.36
C ARG A 1040 17.16 -7.35 25.18
N ILE A 1041 18.46 -7.26 25.44
CA ILE A 1041 19.45 -7.16 24.33
C ILE A 1041 20.70 -7.98 24.63
N LYS A 1042 21.59 -8.12 23.65
CA LYS A 1042 22.87 -8.83 23.75
C LYS A 1042 22.64 -10.30 24.12
N GLU A 1043 23.54 -10.85 24.92
CA GLU A 1043 23.51 -12.25 25.31
C GLU A 1043 23.69 -12.37 26.81
N GLN A 1044 24.25 -11.36 27.48
CA GLN A 1044 24.48 -11.42 28.91
C GLN A 1044 23.16 -11.60 29.65
N LYS A 1045 23.16 -12.52 30.62
CA LYS A 1045 21.93 -12.82 31.39
C LYS A 1045 21.54 -11.59 32.21
N ASN A 1046 20.24 -11.34 32.33
CA ASN A 1046 19.69 -10.22 33.08
C ASN A 1046 20.15 -8.88 32.51
N LEU A 1047 19.81 -8.65 31.23
CA LEU A 1047 20.14 -7.38 30.52
C LEU A 1047 18.84 -6.71 30.10
N ILE A 1048 18.52 -5.54 30.65
CA ILE A 1048 17.29 -4.80 30.41
C ILE A 1048 17.64 -3.44 29.85
N GLU A 1049 16.90 -2.99 28.81
CA GLU A 1049 17.09 -1.66 28.26
C GLU A 1049 16.00 -0.82 28.92
N THR A 1050 16.33 0.34 29.50
CA THR A 1050 15.41 1.24 30.17
C THR A 1050 15.40 2.59 29.47
N LYS A 1051 14.26 3.25 29.59
CA LYS A 1051 13.92 4.54 29.03
C LYS A 1051 13.54 5.48 30.16
N PRO A 1052 13.88 6.76 30.06
CA PRO A 1052 13.46 7.69 31.11
C PRO A 1052 11.95 7.79 31.16
N ILE A 1053 11.39 7.48 32.35
CA ILE A 1053 9.93 7.59 32.64
C ILE A 1053 9.40 8.84 32.01
N ASN A 1054 10.12 9.91 32.28
CA ASN A 1054 9.65 11.23 31.91
C ASN A 1054 9.35 11.24 30.41
N LYS A 1055 10.39 11.03 29.60
CA LYS A 1055 10.27 11.09 28.15
C LYS A 1055 11.27 10.14 27.50
N PRO A 1056 10.81 9.30 26.56
CA PRO A 1056 11.73 8.44 25.84
C PRO A 1056 12.57 9.35 24.93
N ASN A 1057 12.05 10.50 24.50
CA ASN A 1057 12.78 11.40 23.60
C ASN A 1057 13.90 12.15 24.28
N PHE A 1058 14.26 11.75 25.49
CA PHE A 1058 15.40 12.35 26.20
C PHE A 1058 16.04 11.20 26.91
N GLN A 1059 16.69 10.28 26.19
CA GLN A 1059 17.19 9.06 26.81
C GLN A 1059 18.28 9.41 27.81
N ARG A 1060 19.38 9.99 27.34
CA ARG A 1060 20.44 10.45 28.22
C ARG A 1060 21.24 11.51 27.49
N LYS A 1061 21.09 12.77 27.89
CA LYS A 1061 21.87 13.87 27.35
C LYS A 1061 23.11 14.04 28.23
N ASN A 1062 24.25 13.55 27.74
CA ASN A 1062 25.44 13.44 28.56
C ASN A 1062 26.24 14.74 28.62
N LYS A 1063 26.66 15.24 27.47
CA LYS A 1063 27.58 16.36 27.40
C LYS A 1063 26.81 17.68 27.22
N LYS A 1064 27.55 18.74 26.89
CA LYS A 1064 27.02 20.10 26.84
C LYS A 1064 25.75 20.20 26.00
N GLY A 1065 25.87 19.90 24.70
CA GLY A 1065 24.75 20.11 23.81
C GLY A 1065 24.52 18.99 22.80
N GLU A 1066 24.87 17.76 23.18
CA GLU A 1066 24.63 16.61 22.34
C GLU A 1066 23.80 15.58 23.09
N TRP A 1067 22.82 15.01 22.41
CA TRP A 1067 21.95 13.98 22.97
C TRP A 1067 22.34 12.63 22.37
N GLU A 1068 23.31 11.97 22.98
CA GLU A 1068 23.71 10.63 22.57
C GLU A 1068 22.62 9.64 22.97
N ASN A 1069 22.27 8.73 22.05
CA ASN A 1069 21.28 7.70 22.33
C ASN A 1069 21.91 6.57 23.15
N THR A 1070 22.53 6.95 24.27
CA THR A 1070 23.26 5.98 25.13
C THR A 1070 22.22 4.98 25.64
N ARG A 1071 22.61 3.73 25.82
CA ARG A 1071 21.69 2.69 26.18
C ARG A 1071 21.86 2.44 27.63
N ASN A 1072 20.82 1.86 28.24
CA ASN A 1072 20.88 1.55 29.65
C ASN A 1072 21.12 0.06 29.78
N GLN A 1073 22.06 -0.49 28.98
CA GLN A 1073 22.50 -1.86 29.19
C GLN A 1073 22.96 -2.06 30.64
N ILE A 1074 22.21 -2.85 31.41
CA ILE A 1074 22.48 -3.03 32.82
C ILE A 1074 22.28 -4.49 33.19
N ALA A 1075 23.16 -5.00 34.03
CA ALA A 1075 23.11 -6.39 34.47
C ALA A 1075 22.31 -6.47 35.76
N LEU A 1076 21.20 -7.21 35.72
CA LEU A 1076 20.38 -7.45 36.90
C LEU A 1076 20.72 -8.77 37.58
N ALA A 1077 21.98 -9.21 37.47
CA ALA A 1077 22.38 -10.43 38.15
C ALA A 1077 22.29 -10.26 39.66
N LYS A 1078 22.80 -9.14 40.19
CA LYS A 1078 22.78 -8.86 41.63
C LYS A 1078 22.06 -7.53 41.85
N THR A 1079 20.72 -7.59 41.92
CA THR A 1079 19.90 -6.52 42.48
C THR A 1079 18.84 -7.18 43.35
N LYS A 1080 17.93 -6.38 43.91
CA LYS A 1080 17.03 -6.93 44.92
C LYS A 1080 15.57 -6.49 44.82
N TYR A 1081 15.18 -5.74 43.79
CA TYR A 1081 13.77 -5.35 43.71
C TYR A 1081 13.39 -5.04 42.26
N VAL A 1082 12.08 -5.06 42.01
CA VAL A 1082 11.51 -4.70 40.73
C VAL A 1082 10.01 -4.49 40.95
N GLY A 1083 9.45 -3.48 40.28
CA GLY A 1083 8.05 -3.16 40.50
C GLY A 1083 7.35 -2.48 39.34
N LYS A 1084 6.08 -2.84 39.10
CA LYS A 1084 5.28 -2.26 38.04
C LYS A 1084 4.29 -1.25 38.60
N LEU A 1085 4.10 -0.16 37.86
CA LEU A 1085 3.15 0.88 38.20
C LEU A 1085 2.20 1.06 37.02
N VAL A 1086 1.13 0.26 36.99
CA VAL A 1086 0.13 0.43 35.94
C VAL A 1086 -0.47 1.82 36.07
N THR A 1087 -0.35 2.62 35.03
CA THR A 1087 -0.69 4.04 35.08
C THR A 1087 -1.74 4.35 34.02
N ASP A 1088 -2.96 4.62 34.47
CA ASP A 1088 -3.99 5.11 33.57
C ASP A 1088 -3.77 6.60 33.29
N VAL A 1089 -4.50 7.11 32.29
CA VAL A 1089 -4.24 8.47 31.80
C VAL A 1089 -4.49 9.50 32.90
N LEU A 1090 -5.48 9.26 33.76
CA LEU A 1090 -5.77 10.22 34.83
C LEU A 1090 -4.57 10.48 35.71
N GLY A 1091 -3.69 9.48 35.87
CA GLY A 1091 -2.46 9.64 36.64
C GLY A 1091 -2.32 8.72 37.83
N ASN A 1092 -3.31 7.87 38.09
CA ASN A 1092 -3.22 6.95 39.23
C ASN A 1092 -2.19 5.87 38.96
N CYS A 1093 -1.62 5.33 40.03
CA CYS A 1093 -0.63 4.27 39.96
C CYS A 1093 -1.17 3.03 40.68
N TYR A 1094 -1.10 1.89 40.00
CA TYR A 1094 -1.57 0.62 40.54
C TYR A 1094 -0.39 -0.34 40.67
N ILE A 1095 -0.22 -0.92 41.85
CA ILE A 1095 0.82 -1.91 42.10
C ILE A 1095 0.31 -3.28 41.67
N VAL A 1096 1.12 -4.00 40.92
CA VAL A 1096 0.71 -5.27 40.33
C VAL A 1096 1.28 -6.40 41.18
N ASN A 1097 0.66 -7.57 41.06
CA ASN A 1097 1.09 -8.75 41.79
C ASN A 1097 1.11 -9.96 40.86
N MET A 1098 1.20 -11.17 41.42
CA MET A 1098 1.28 -12.40 40.65
C MET A 1098 0.18 -12.45 39.59
N GLU A 1099 0.60 -12.46 38.33
CA GLU A 1099 -0.33 -12.50 37.21
C GLU A 1099 -0.81 -13.93 36.97
N LYS A 1100 -1.68 -14.10 35.98
CA LYS A 1100 -2.29 -15.41 35.75
C LYS A 1100 -1.37 -16.32 34.94
N PHE A 1101 -1.15 -15.98 33.68
CA PHE A 1101 -0.39 -16.80 32.74
C PHE A 1101 -0.40 -16.05 31.42
N SER A 1102 0.53 -16.40 30.53
CA SER A 1102 0.57 -15.81 29.18
C SER A 1102 0.64 -16.92 28.13
N LEU A 1103 -0.51 -17.50 27.83
CA LEU A 1103 -0.74 -18.33 26.64
C LEU A 1103 -2.11 -17.96 26.07
N VAL A 1104 -2.34 -16.65 25.91
CA VAL A 1104 -3.63 -16.11 25.51
C VAL A 1104 -4.14 -16.80 24.26
N VAL A 1105 -5.32 -17.42 24.36
CA VAL A 1105 -5.93 -18.18 23.27
C VAL A 1105 -4.97 -19.23 22.72
#